data_7BU3
#
_entry.id   7BU3
#
_cell.length_a   64.970
_cell.length_b   138.990
_cell.length_c   168.510
_cell.angle_alpha   90.00
_cell.angle_beta   90.00
_cell.angle_gamma   90.00
#
_symmetry.space_group_name_H-M   'C 2 2 21'
#
loop_
_entity.id
_entity.type
_entity.pdbx_description
1 polymer 'Alcohol dehydrogenase'
2 polymer 'Alcohol dehydrogenase'
3 non-polymer 'ASPARTIC ACID'
4 non-polymer 'NADP NICOTINAMIDE-ADENINE-DINUCLEOTIDE PHOSPHATE'
5 non-polymer GLYCEROL
6 non-polymer DI(HYDROXYETHYL)ETHER
7 non-polymer 'ZINC ION'
8 water water
#
loop_
_entity_poly.entity_id
_entity_poly.type
_entity_poly.pdbx_seq_one_letter_code
_entity_poly.pdbx_strand_id
1 'polypeptide(L)'
;SMIKSYAAKEAGGELEVYEYDPGELRPQDVEVQVDYCGICHSDLSMIDNEWGFSQYPLVAGHEVIGRVVALGSAAQDKGL
QVGQRVGIGWTARSCGHCDACISGNQINCEQGAVPTIMNRGGFAEKLRADWQWVIPLPENIDIESAGPLLCGGITVFKPL
LMHHITATSRVGVIGIGGLGHIAIKLLHAMGCEVTAFSSNPAKEQEVLAMGADKVVNSRDPQALKALAGQFDLIINTVNV
SLDWQPYFEALTYGGNFHTVGAVLTPLSVPAFTLIAGDRSVSGSATGTPYELRKLMRFAARSKVAPTTELFPMSKINDAI
QHVRDGKARYRVVLKA
;
A
2 'polypeptide(L)'
;MIKSYAAKEAGGELEVYEYDPGELRPQDVEVQVDYCGICHSDLSMIDNEWGFSQYPLVAGHEVIGRVVALGSAAQDKGLQ
VGQRVGIGWTARSCGHCDACISGNQINCEQGAVPTIMNRGGFAEKLRADWQWVIPLPENIDIESAGPLLCGGITVFKPLL
MHHITATSRVGVIGIGGLGHIAIKLLHAMGCEVTAFSSNPAKEQEVLAMGADKVVNSRDPQALKALAGQFDLIINTVNVS
LDWQPYFEALTYGGNFHTVGAVLTPLSVPAFTLIAGDRSVSGSATGTPYELRKLMRFAARSKVAPTTELFPMSKINDAIQ
HVRDGKARYRVVLKADY
;
B
#
# COMPACT_ATOMS: atom_id res chain seq x y z
N SER A 1 -26.20 27.52 -10.94
CA SER A 1 -25.37 26.61 -10.16
C SER A 1 -24.50 25.74 -11.08
N MET A 2 -24.07 26.32 -12.20
CA MET A 2 -23.16 25.64 -13.11
C MET A 2 -21.71 25.84 -12.65
N ILE A 3 -20.78 25.29 -13.41
CA ILE A 3 -19.35 25.52 -13.21
C ILE A 3 -18.81 26.13 -14.50
N LYS A 4 -18.19 27.30 -14.39
CA LYS A 4 -17.59 27.95 -15.54
C LYS A 4 -16.20 27.40 -15.80
N SER A 5 -15.91 27.09 -17.06
CA SER A 5 -14.67 26.45 -17.43
C SER A 5 -14.21 26.97 -18.79
N TYR A 6 -13.02 26.53 -19.18
CA TYR A 6 -12.49 26.75 -20.51
C TYR A 6 -12.36 25.39 -21.18
N ALA A 7 -13.23 25.14 -22.17
CA ALA A 7 -13.29 23.86 -22.85
C ALA A 7 -12.83 23.98 -24.29
N ALA A 8 -12.27 22.89 -24.81
CA ALA A 8 -12.04 22.75 -26.24
C ALA A 8 -13.26 22.07 -26.83
N LYS A 9 -13.75 22.61 -27.95
CA LYS A 9 -14.94 22.05 -28.59
C LYS A 9 -14.59 21.05 -29.67
N GLU A 10 -13.32 20.96 -30.06
CA GLU A 10 -12.88 20.02 -31.07
C GLU A 10 -11.39 19.79 -30.88
N ALA A 11 -10.91 18.70 -31.46
CA ALA A 11 -9.50 18.35 -31.35
C ALA A 11 -8.63 19.49 -31.87
N GLY A 12 -7.68 19.94 -31.04
CA GLY A 12 -6.78 20.98 -31.45
C GLY A 12 -7.36 22.37 -31.40
N GLY A 13 -8.63 22.52 -31.07
CA GLY A 13 -9.23 23.83 -31.04
C GLY A 13 -8.74 24.69 -29.90
N GLU A 14 -8.97 26.00 -30.05
CA GLU A 14 -8.74 26.94 -28.96
C GLU A 14 -9.83 26.78 -27.91
N LEU A 15 -9.55 27.27 -26.70
CA LEU A 15 -10.46 27.06 -25.59
C LEU A 15 -11.45 28.23 -25.51
N GLU A 16 -12.72 27.90 -25.28
CA GLU A 16 -13.78 28.88 -25.14
C GLU A 16 -14.46 28.69 -23.78
N VAL A 17 -14.96 29.80 -23.23
CA VAL A 17 -15.74 29.73 -22.00
C VAL A 17 -16.86 28.73 -22.18
N TYR A 18 -17.11 27.94 -21.14
CA TYR A 18 -18.03 26.81 -21.26
C TYR A 18 -18.57 26.49 -19.88
N GLU A 19 -19.89 26.52 -19.74
CA GLU A 19 -20.55 26.24 -18.48
C GLU A 19 -21.16 24.84 -18.52
N TYR A 20 -20.97 24.09 -17.44
CA TYR A 20 -21.49 22.73 -17.39
C TYR A 20 -22.09 22.47 -16.01
N ASP A 21 -23.09 21.59 -16.00
CA ASP A 21 -23.74 21.19 -14.77
C ASP A 21 -22.98 19.99 -14.21
N PRO A 22 -22.31 20.11 -13.06
CA PRO A 22 -21.58 18.96 -12.52
C PRO A 22 -22.47 17.87 -12.00
N GLY A 23 -23.76 18.14 -11.78
CA GLY A 23 -24.64 17.16 -11.19
C GLY A 23 -24.56 17.18 -9.68
N GLU A 24 -25.29 16.25 -9.07
CA GLU A 24 -25.26 16.09 -7.63
C GLU A 24 -23.87 15.65 -7.17
N LEU A 25 -23.46 16.13 -6.00
CA LEU A 25 -22.19 15.75 -5.41
C LEU A 25 -22.21 14.27 -5.01
N ARG A 26 -21.35 13.46 -5.62
CA ARG A 26 -21.27 12.05 -5.26
C ARG A 26 -20.81 11.91 -3.81
N PRO A 27 -21.21 10.84 -3.12
CA PRO A 27 -20.87 10.73 -1.69
C PRO A 27 -19.38 10.79 -1.40
N GLN A 28 -18.53 10.34 -2.32
CA GLN A 28 -17.09 10.33 -2.14
C GLN A 28 -16.40 11.53 -2.76
N ASP A 29 -17.13 12.43 -3.41
CA ASP A 29 -16.47 13.49 -4.13
C ASP A 29 -16.14 14.67 -3.24
N VAL A 30 -15.13 15.42 -3.66
CA VAL A 30 -14.72 16.65 -3.01
C VAL A 30 -14.73 17.74 -4.08
N GLU A 31 -15.46 18.82 -3.82
CA GLU A 31 -15.45 19.96 -4.74
C GLU A 31 -14.41 20.98 -4.28
N VAL A 32 -13.55 21.38 -5.19
CA VAL A 32 -12.41 22.22 -4.90
C VAL A 32 -12.49 23.47 -5.78
N GLN A 33 -12.34 24.63 -5.14
CA GLN A 33 -12.24 25.88 -5.87
C GLN A 33 -10.81 26.10 -6.32
N VAL A 34 -10.62 26.33 -7.62
CA VAL A 34 -9.28 26.44 -8.18
C VAL A 34 -8.65 27.77 -7.79
N ASP A 35 -7.44 27.71 -7.22
CA ASP A 35 -6.60 28.89 -7.07
C ASP A 35 -5.54 28.99 -8.15
N TYR A 36 -4.86 27.88 -8.45
CA TYR A 36 -3.86 27.82 -9.51
C TYR A 36 -3.98 26.48 -10.23
N CYS A 37 -3.58 26.46 -11.49
CA CYS A 37 -3.54 25.21 -12.24
C CYS A 37 -2.38 25.27 -13.23
N GLY A 38 -1.44 24.34 -13.06
CA GLY A 38 -0.37 24.22 -14.04
C GLY A 38 -0.86 23.79 -15.39
N ILE A 39 -0.06 24.07 -16.42
CA ILE A 39 -0.28 23.54 -17.75
C ILE A 39 0.77 22.48 -18.02
N CYS A 40 0.31 21.28 -18.34
CA CYS A 40 1.14 20.11 -18.58
C CYS A 40 1.08 19.76 -20.05
N HIS A 41 2.18 19.22 -20.60
CA HIS A 41 2.12 18.79 -21.99
C HIS A 41 1.01 17.77 -22.21
N SER A 42 0.64 17.00 -21.17
CA SER A 42 -0.47 16.07 -21.29
C SER A 42 -1.78 16.80 -21.57
N ASP A 43 -1.93 18.02 -21.04
CA ASP A 43 -3.08 18.85 -21.38
C ASP A 43 -3.14 19.10 -22.89
N LEU A 44 -2.01 19.48 -23.50
CA LEU A 44 -1.97 19.69 -24.95
C LEU A 44 -2.29 18.41 -25.71
N SER A 45 -1.68 17.29 -25.29
CA SER A 45 -1.95 16.02 -25.94
C SER A 45 -3.44 15.68 -25.88
N MET A 46 -4.09 15.97 -24.76
CA MET A 46 -5.51 15.66 -24.66
C MET A 46 -6.33 16.61 -25.52
N ILE A 47 -5.97 17.91 -25.52
CA ILE A 47 -6.69 18.88 -26.34
C ILE A 47 -6.62 18.50 -27.81
N ASP A 48 -5.44 18.06 -28.27
CA ASP A 48 -5.24 17.68 -29.66
C ASP A 48 -5.67 16.26 -29.96
N ASN A 49 -6.13 15.50 -28.95
CA ASN A 49 -6.47 14.09 -29.11
C ASN A 49 -5.29 13.30 -29.67
N GLU A 50 -4.09 13.64 -29.20
CA GLU A 50 -2.88 12.93 -29.63
C GLU A 50 -2.94 11.46 -29.25
N TRP A 51 -3.68 11.11 -28.19
CA TRP A 51 -3.73 9.75 -27.67
C TRP A 51 -5.03 9.04 -28.00
N GLY A 52 -5.95 9.69 -28.71
CA GLY A 52 -7.09 9.00 -29.27
C GLY A 52 -8.26 8.71 -28.34
N PHE A 53 -8.24 9.20 -27.10
CA PHE A 53 -9.40 8.95 -26.24
C PHE A 53 -10.02 10.23 -25.69
N SER A 54 -9.75 11.37 -26.31
CA SER A 54 -10.36 12.62 -25.88
C SER A 54 -11.83 12.69 -26.29
N GLN A 55 -12.63 13.32 -25.43
CA GLN A 55 -14.04 13.56 -25.67
C GLN A 55 -14.32 15.05 -25.54
N TYR A 56 -15.10 15.59 -26.49
CA TYR A 56 -15.33 17.03 -26.50
C TYR A 56 -16.80 17.36 -26.22
N PRO A 57 -17.09 18.48 -25.54
CA PRO A 57 -16.15 19.48 -25.02
C PRO A 57 -15.21 18.92 -23.93
N LEU A 58 -13.98 19.41 -23.91
CA LEU A 58 -12.91 18.86 -23.08
C LEU A 58 -12.39 19.96 -22.18
N VAL A 59 -12.58 19.80 -20.87
CA VAL A 59 -12.02 20.72 -19.88
C VAL A 59 -10.76 20.06 -19.34
N ALA A 60 -9.60 20.58 -19.72
CA ALA A 60 -8.33 20.00 -19.31
C ALA A 60 -7.90 20.63 -17.98
N GLY A 61 -6.60 20.53 -17.66
CA GLY A 61 -6.10 21.05 -16.40
C GLY A 61 -6.13 20.02 -15.29
N HIS A 62 -4.97 19.74 -14.69
CA HIS A 62 -4.89 18.67 -13.70
C HIS A 62 -3.68 18.85 -12.79
N GLU A 63 -3.25 20.10 -12.60
CA GLU A 63 -2.15 20.45 -11.70
C GLU A 63 -2.63 21.58 -10.78
N VAL A 64 -3.63 21.24 -9.96
CA VAL A 64 -4.49 22.21 -9.30
C VAL A 64 -4.06 22.40 -7.86
N ILE A 65 -3.92 23.66 -7.43
CA ILE A 65 -3.95 24.00 -6.02
C ILE A 65 -5.24 24.79 -5.77
N GLY A 66 -5.98 24.38 -4.74
CA GLY A 66 -7.25 25.01 -4.46
C GLY A 66 -7.68 24.85 -3.03
N ARG A 67 -8.94 25.17 -2.77
CA ARG A 67 -9.51 25.05 -1.44
C ARG A 67 -10.77 24.21 -1.51
N VAL A 68 -10.95 23.34 -0.52
CA VAL A 68 -12.16 22.54 -0.43
C VAL A 68 -13.34 23.47 -0.19
N VAL A 69 -14.36 23.37 -1.03
CA VAL A 69 -15.61 24.10 -0.82
C VAL A 69 -16.77 23.19 -0.45
N ALA A 70 -16.73 21.90 -0.78
CA ALA A 70 -17.82 21.00 -0.44
C ALA A 70 -17.31 19.56 -0.33
N LEU A 71 -17.93 18.79 0.56
CA LEU A 71 -17.57 17.39 0.77
C LEU A 71 -18.82 16.54 0.66
N GLY A 72 -18.78 15.55 -0.24
CA GLY A 72 -19.86 14.58 -0.35
C GLY A 72 -20.13 13.85 0.95
N SER A 73 -21.24 13.12 0.95
CA SER A 73 -21.75 12.53 2.19
C SER A 73 -20.83 11.46 2.76
N ALA A 74 -20.03 10.81 1.92
CA ALA A 74 -19.06 9.82 2.38
C ALA A 74 -17.65 10.38 2.41
N ALA A 75 -17.49 11.71 2.28
CA ALA A 75 -16.19 12.36 2.24
C ALA A 75 -15.94 13.28 3.43
N GLN A 76 -16.74 13.18 4.49
CA GLN A 76 -16.66 14.15 5.58
C GLN A 76 -15.95 13.62 6.82
N ASP A 77 -15.66 12.33 6.89
CA ASP A 77 -14.84 11.78 7.96
C ASP A 77 -13.50 11.28 7.41
N LYS A 78 -12.93 11.99 6.44
CA LYS A 78 -11.78 11.52 5.68
C LYS A 78 -10.58 12.46 5.82
N GLY A 79 -10.51 13.18 6.94
CA GLY A 79 -9.39 14.06 7.21
C GLY A 79 -9.38 15.38 6.47
N LEU A 80 -10.40 15.68 5.69
CA LEU A 80 -10.49 16.94 4.97
C LEU A 80 -11.57 17.84 5.59
N GLN A 81 -11.39 19.15 5.46
CA GLN A 81 -12.34 20.13 5.94
C GLN A 81 -12.55 21.20 4.88
N VAL A 82 -13.78 21.72 4.82
CA VAL A 82 -14.06 22.88 3.99
C VAL A 82 -13.09 24.01 4.34
N GLY A 83 -12.59 24.69 3.32
CA GLY A 83 -11.58 25.71 3.49
C GLY A 83 -10.16 25.21 3.42
N GLN A 84 -9.94 23.89 3.52
CA GLN A 84 -8.58 23.36 3.48
C GLN A 84 -7.96 23.55 2.10
N ARG A 85 -6.70 23.96 2.09
CA ARG A 85 -5.93 24.03 0.86
C ARG A 85 -5.47 22.63 0.45
N VAL A 86 -5.77 22.24 -0.79
CA VAL A 86 -5.49 20.89 -1.26
C VAL A 86 -5.00 20.94 -2.70
N GLY A 87 -4.42 19.82 -3.15
CA GLY A 87 -4.02 19.66 -4.53
C GLY A 87 -4.80 18.54 -5.20
N ILE A 88 -4.97 18.66 -6.53
CA ILE A 88 -5.51 17.58 -7.34
C ILE A 88 -4.62 17.40 -8.56
N GLY A 89 -4.24 16.14 -8.83
CA GLY A 89 -3.35 15.86 -9.94
C GLY A 89 -4.04 15.23 -11.15
N TRP A 90 -3.29 14.41 -11.89
CA TRP A 90 -3.81 13.78 -13.10
C TRP A 90 -5.01 12.88 -12.83
N THR A 91 -5.07 12.25 -11.66
CA THR A 91 -6.09 11.24 -11.37
C THR A 91 -7.14 11.79 -10.42
N ALA A 92 -8.41 11.46 -10.68
CA ALA A 92 -9.53 11.93 -9.87
C ALA A 92 -10.32 10.82 -9.16
N ARG A 93 -10.37 9.61 -9.72
CA ARG A 93 -11.24 8.56 -9.20
C ARG A 93 -10.59 7.18 -9.33
N SER A 94 -10.83 6.34 -8.33
CA SER A 94 -10.55 4.91 -8.41
C SER A 94 -11.53 4.23 -7.46
N CYS A 95 -11.67 2.91 -7.59
CA CYS A 95 -12.78 2.23 -6.95
C CYS A 95 -12.62 2.06 -5.45
N GLY A 96 -11.39 1.97 -4.94
CA GLY A 96 -11.15 1.86 -3.51
C GLY A 96 -11.16 0.44 -2.94
N HIS A 97 -11.63 -0.56 -3.68
CA HIS A 97 -11.86 -1.86 -3.07
C HIS A 97 -11.25 -3.03 -3.83
N CYS A 98 -10.78 -2.84 -5.05
CA CYS A 98 -10.00 -3.88 -5.71
C CYS A 98 -8.66 -4.06 -4.98
N ASP A 99 -7.93 -5.11 -5.36
CA ASP A 99 -6.65 -5.40 -4.69
C ASP A 99 -5.65 -4.25 -4.86
N ALA A 100 -5.60 -3.65 -6.04
CA ALA A 100 -4.68 -2.53 -6.25
C ALA A 100 -5.03 -1.37 -5.32
N CYS A 101 -6.30 -1.01 -5.27
CA CYS A 101 -6.71 0.16 -4.47
C CYS A 101 -6.47 -0.10 -2.98
N ILE A 102 -6.88 -1.26 -2.49
CA ILE A 102 -6.82 -1.47 -1.05
C ILE A 102 -5.40 -1.71 -0.57
N SER A 103 -4.48 -2.03 -1.47
CA SER A 103 -3.08 -2.19 -1.12
C SER A 103 -2.28 -0.90 -1.25
N GLY A 104 -2.94 0.25 -1.44
CA GLY A 104 -2.20 1.48 -1.63
C GLY A 104 -1.70 1.71 -3.03
N ASN A 105 -2.19 0.95 -4.01
CA ASN A 105 -1.76 1.09 -5.40
C ASN A 105 -2.91 1.61 -6.26
N GLN A 106 -3.53 2.71 -5.81
CA GLN A 106 -4.78 3.18 -6.42
C GLN A 106 -4.59 3.61 -7.87
N ILE A 107 -3.38 4.06 -8.25
CA ILE A 107 -3.11 4.46 -9.62
C ILE A 107 -3.32 3.27 -10.56
N ASN A 108 -3.21 2.05 -10.04
CA ASN A 108 -3.35 0.85 -10.84
C ASN A 108 -4.69 0.15 -10.61
N CYS A 109 -5.69 0.89 -10.14
CA CYS A 109 -7.04 0.38 -9.94
C CYS A 109 -7.48 -0.53 -11.09
N GLU A 110 -7.98 -1.69 -10.73
CA GLU A 110 -8.30 -2.69 -11.72
C GLU A 110 -9.53 -2.33 -12.53
N GLN A 111 -10.36 -1.41 -12.05
CA GLN A 111 -11.44 -0.88 -12.86
C GLN A 111 -10.99 0.26 -13.77
N GLY A 112 -9.74 0.71 -13.65
CA GLY A 112 -9.25 1.82 -14.44
C GLY A 112 -9.37 3.14 -13.70
N ALA A 113 -8.25 3.69 -13.24
CA ALA A 113 -8.29 5.00 -12.59
C ALA A 113 -8.76 6.06 -13.58
N VAL A 114 -9.62 6.98 -13.14
CA VAL A 114 -10.27 7.94 -14.02
C VAL A 114 -9.45 9.23 -14.01
N PRO A 115 -8.92 9.67 -15.14
CA PRO A 115 -8.18 10.95 -15.17
C PRO A 115 -9.08 12.13 -14.83
N THR A 116 -8.51 13.07 -14.06
CA THR A 116 -9.20 14.31 -13.72
C THR A 116 -9.84 14.96 -14.95
N ILE A 117 -9.14 14.93 -16.08
CA ILE A 117 -9.61 15.61 -17.28
C ILE A 117 -10.90 14.98 -17.80
N MET A 118 -11.02 13.65 -17.71
CA MET A 118 -12.18 12.97 -18.31
C MET A 118 -13.49 13.31 -17.60
N ASN A 119 -13.45 13.76 -16.35
CA ASN A 119 -14.67 14.22 -15.69
C ASN A 119 -14.62 15.70 -15.36
N ARG A 120 -13.93 16.48 -16.22
CA ARG A 120 -13.78 17.93 -16.18
C ARG A 120 -12.66 18.34 -15.23
N GLY A 121 -11.61 18.95 -15.77
CA GLY A 121 -10.42 19.27 -15.01
C GLY A 121 -10.37 20.69 -14.45
N GLY A 122 -9.14 21.17 -14.26
CA GLY A 122 -8.84 22.35 -13.50
C GLY A 122 -8.76 23.65 -14.28
N PHE A 123 -8.94 23.63 -15.60
CA PHE A 123 -9.06 24.86 -16.38
C PHE A 123 -10.46 25.45 -16.18
N ALA A 124 -10.77 25.78 -14.94
CA ALA A 124 -12.13 26.10 -14.54
C ALA A 124 -12.08 26.79 -13.19
N GLU A 125 -13.25 27.27 -12.75
CA GLU A 125 -13.31 27.88 -11.43
C GLU A 125 -13.41 26.83 -10.33
N LYS A 126 -13.96 25.65 -10.64
CA LYS A 126 -14.12 24.56 -9.69
C LYS A 126 -13.94 23.25 -10.42
N LEU A 127 -13.65 22.20 -9.63
CA LEU A 127 -13.61 20.84 -10.14
C LEU A 127 -13.86 19.89 -8.98
N ARG A 128 -14.05 18.61 -9.30
CA ARG A 128 -14.35 17.60 -8.30
C ARG A 128 -13.45 16.38 -8.51
N ALA A 129 -13.17 15.68 -7.41
CA ALA A 129 -12.39 14.44 -7.41
C ALA A 129 -12.75 13.64 -6.17
N ASP A 130 -12.53 12.33 -6.26
CA ASP A 130 -12.68 11.47 -5.08
C ASP A 130 -11.75 11.94 -3.97
N TRP A 131 -12.16 11.76 -2.72
CA TRP A 131 -11.36 12.29 -1.61
C TRP A 131 -9.97 11.64 -1.57
N GLN A 132 -9.84 10.38 -1.99
CA GLN A 132 -8.53 9.71 -1.91
C GLN A 132 -7.50 10.38 -2.82
N TRP A 133 -7.96 11.06 -3.87
CA TRP A 133 -7.08 11.74 -4.83
C TRP A 133 -6.94 13.23 -4.53
N VAL A 134 -7.52 13.69 -3.42
CA VAL A 134 -7.34 15.06 -2.98
C VAL A 134 -6.16 15.09 -2.01
N ILE A 135 -5.13 15.86 -2.35
CA ILE A 135 -3.82 15.74 -1.72
C ILE A 135 -3.69 16.82 -0.67
N PRO A 136 -3.61 16.48 0.62
CA PRO A 136 -3.36 17.51 1.64
C PRO A 136 -1.94 18.05 1.52
N LEU A 137 -1.78 19.32 1.89
CA LEU A 137 -0.53 20.01 1.62
C LEU A 137 0.18 20.42 2.91
N PRO A 138 1.51 20.50 2.90
CA PRO A 138 2.23 21.03 4.06
C PRO A 138 2.00 22.53 4.23
N GLU A 139 2.16 22.97 5.48
CA GLU A 139 1.77 24.33 5.86
C GLU A 139 2.53 25.40 5.09
N ASN A 140 3.86 25.25 4.99
CA ASN A 140 4.70 26.33 4.48
C ASN A 140 5.00 26.19 2.99
N ILE A 141 4.21 25.42 2.24
CA ILE A 141 4.50 25.26 0.82
C ILE A 141 4.11 26.53 0.05
N ASP A 142 4.92 26.87 -0.94
CA ASP A 142 4.61 27.97 -1.87
C ASP A 142 3.47 27.54 -2.79
N ILE A 143 2.28 28.12 -2.61
CA ILE A 143 1.12 27.62 -3.36
C ILE A 143 1.13 28.05 -4.82
N GLU A 144 1.84 29.13 -5.18
CA GLU A 144 1.86 29.60 -6.57
C GLU A 144 2.62 28.65 -7.48
N SER A 145 3.68 28.02 -6.97
CA SER A 145 4.47 27.08 -7.76
C SER A 145 4.15 25.61 -7.47
N ALA A 146 3.31 25.33 -6.46
CA ALA A 146 3.15 23.94 -6.01
C ALA A 146 2.38 23.09 -7.01
N GLY A 147 1.53 23.71 -7.84
CA GLY A 147 0.62 22.96 -8.68
C GLY A 147 1.26 21.86 -9.50
N PRO A 148 2.31 22.20 -10.26
CA PRO A 148 2.96 21.19 -11.12
C PRO A 148 3.56 20.01 -10.36
N LEU A 149 3.81 20.14 -9.06
CA LEU A 149 4.30 19.00 -8.31
C LEU A 149 3.30 17.86 -8.31
N LEU A 150 2.01 18.18 -8.46
CA LEU A 150 0.94 17.19 -8.38
C LEU A 150 0.92 16.26 -9.58
N CYS A 151 1.58 16.64 -10.67
CA CYS A 151 1.66 15.74 -11.81
C CYS A 151 3.10 15.64 -12.30
N GLY A 152 3.67 16.75 -12.78
CA GLY A 152 5.08 16.76 -13.14
C GLY A 152 5.98 16.24 -12.04
N GLY A 153 5.72 16.64 -10.79
CA GLY A 153 6.60 16.25 -9.71
C GLY A 153 6.49 14.77 -9.37
N ILE A 154 5.27 14.28 -9.16
CA ILE A 154 5.09 12.87 -8.81
C ILE A 154 5.57 11.98 -9.94
N THR A 155 5.38 12.42 -11.18
CA THR A 155 5.71 11.57 -12.32
C THR A 155 7.21 11.28 -12.37
N VAL A 156 8.06 12.26 -12.05
CA VAL A 156 9.51 11.99 -12.06
C VAL A 156 9.97 11.49 -10.68
N PHE A 157 9.18 11.71 -9.63
CA PHE A 157 9.47 11.15 -8.31
C PHE A 157 9.30 9.63 -8.30
N LYS A 158 8.29 9.12 -9.03
CA LYS A 158 7.97 7.69 -8.99
C LYS A 158 9.13 6.79 -9.44
N PRO A 159 9.78 7.01 -10.59
CA PRO A 159 10.97 6.19 -10.90
C PRO A 159 12.04 6.24 -9.81
N LEU A 160 12.21 7.37 -9.12
CA LEU A 160 13.18 7.40 -8.01
C LEU A 160 12.82 6.38 -6.94
N LEU A 161 11.51 6.19 -6.70
CA LEU A 161 11.06 5.16 -5.76
C LEU A 161 11.18 3.76 -6.34
N MET A 162 10.71 3.56 -7.58
CA MET A 162 10.71 2.23 -8.17
C MET A 162 12.12 1.66 -8.29
N HIS A 163 13.10 2.51 -8.57
CA HIS A 163 14.47 2.05 -8.78
C HIS A 163 15.37 2.33 -7.60
N HIS A 164 14.79 2.64 -6.44
CA HIS A 164 15.52 2.74 -5.17
C HIS A 164 16.73 3.64 -5.31
N ILE A 165 16.47 4.85 -5.81
CA ILE A 165 17.52 5.84 -5.98
C ILE A 165 17.92 6.39 -4.63
N THR A 166 19.22 6.52 -4.40
CA THR A 166 19.76 7.17 -3.20
C THR A 166 20.85 8.16 -3.61
N ALA A 167 21.48 8.73 -2.58
CA ALA A 167 22.45 9.79 -2.80
C ALA A 167 23.65 9.32 -3.61
N THR A 168 23.97 8.03 -3.59
CA THR A 168 25.11 7.55 -4.37
C THR A 168 24.74 7.23 -5.82
N SER A 169 23.47 7.32 -6.18
CA SER A 169 23.03 7.00 -7.54
C SER A 169 23.55 8.01 -8.54
N ARG A 170 23.75 7.56 -9.79
CA ARG A 170 24.05 8.43 -10.93
C ARG A 170 22.84 8.43 -11.85
N VAL A 171 22.20 9.58 -11.98
CA VAL A 171 20.90 9.66 -12.63
C VAL A 171 20.97 10.70 -13.73
N GLY A 172 20.48 10.34 -14.92
CA GLY A 172 20.36 11.26 -16.03
C GLY A 172 18.90 11.57 -16.32
N VAL A 173 18.64 12.76 -16.87
CA VAL A 173 17.29 13.22 -17.17
C VAL A 173 17.29 13.74 -18.61
N ILE A 174 16.44 13.17 -19.47
CA ILE A 174 16.35 13.60 -20.87
C ILE A 174 15.17 14.54 -21.02
N GLY A 175 15.46 15.76 -21.43
CA GLY A 175 14.43 16.73 -21.73
C GLY A 175 14.17 17.57 -20.49
N ILE A 176 14.72 18.78 -20.47
CA ILE A 176 14.57 19.59 -19.26
C ILE A 176 13.42 20.57 -19.47
N GLY A 177 12.20 20.04 -19.49
CA GLY A 177 11.00 20.86 -19.53
C GLY A 177 10.32 20.90 -18.18
N GLY A 178 8.99 20.86 -18.18
CA GLY A 178 8.24 20.87 -16.96
C GLY A 178 8.59 19.71 -16.04
N LEU A 179 8.43 18.48 -16.53
CA LEU A 179 8.82 17.31 -15.74
C LEU A 179 10.32 17.29 -15.48
N GLY A 180 11.13 17.57 -16.52
CA GLY A 180 12.56 17.34 -16.40
C GLY A 180 13.24 18.30 -15.43
N HIS A 181 12.84 19.57 -15.42
CA HIS A 181 13.50 20.49 -14.50
C HIS A 181 13.12 20.19 -13.05
N ILE A 182 11.92 19.68 -12.80
CA ILE A 182 11.59 19.24 -11.45
C ILE A 182 12.45 18.02 -11.06
N ALA A 183 12.69 17.11 -12.01
CA ALA A 183 13.55 15.97 -11.69
C ALA A 183 14.96 16.43 -11.30
N ILE A 184 15.53 17.40 -12.04
CA ILE A 184 16.84 17.93 -11.68
C ILE A 184 16.83 18.44 -10.24
N LYS A 185 15.82 19.27 -9.91
CA LYS A 185 15.75 19.82 -8.56
C LYS A 185 15.58 18.74 -7.51
N LEU A 186 14.73 17.75 -7.78
CA LEU A 186 14.56 16.67 -6.82
C LEU A 186 15.86 15.89 -6.64
N LEU A 187 16.58 15.62 -7.73
CA LEU A 187 17.78 14.82 -7.64
C LEU A 187 18.89 15.59 -6.91
N HIS A 188 18.97 16.89 -7.13
CA HIS A 188 19.91 17.72 -6.39
C HIS A 188 19.67 17.62 -4.88
N ALA A 189 18.41 17.77 -4.45
CA ALA A 189 18.06 17.67 -3.03
C ALA A 189 18.42 16.31 -2.45
N MET A 190 18.44 15.27 -3.27
CA MET A 190 18.76 13.93 -2.81
C MET A 190 20.25 13.63 -2.76
N GLY A 191 21.10 14.54 -3.24
CA GLY A 191 22.53 14.34 -3.20
C GLY A 191 23.12 13.50 -4.31
N CYS A 192 22.31 13.06 -5.28
CA CYS A 192 22.77 12.20 -6.36
C CYS A 192 23.80 12.92 -7.24
N GLU A 193 24.51 12.13 -8.05
CA GLU A 193 25.12 12.68 -9.25
C GLU A 193 24.04 12.85 -10.32
N VAL A 194 24.04 14.00 -11.01
CA VAL A 194 22.93 14.36 -11.88
C VAL A 194 23.48 14.89 -13.20
N THR A 195 23.03 14.30 -14.31
CA THR A 195 23.31 14.82 -15.64
C THR A 195 22.01 15.18 -16.34
N ALA A 196 21.97 16.38 -16.94
CA ALA A 196 20.83 16.79 -17.75
C ALA A 196 21.17 16.59 -19.22
N PHE A 197 20.23 16.01 -19.96
CA PHE A 197 20.34 15.91 -21.41
C PHE A 197 19.31 16.86 -22.00
N SER A 198 19.77 17.88 -22.73
CA SER A 198 18.90 18.95 -23.19
C SER A 198 19.16 19.26 -24.66
N SER A 199 18.12 19.69 -25.35
CA SER A 199 18.27 20.06 -26.75
C SER A 199 18.41 21.57 -26.96
N ASN A 200 18.40 22.38 -25.89
CA ASN A 200 18.34 23.84 -26.03
C ASN A 200 19.51 24.49 -25.29
N PRO A 201 20.53 25.01 -25.98
CA PRO A 201 21.67 25.60 -25.26
C PRO A 201 21.29 26.81 -24.43
N ALA A 202 20.16 27.48 -24.72
CA ALA A 202 19.75 28.62 -23.91
C ALA A 202 19.35 28.22 -22.50
N LYS A 203 19.09 26.92 -22.26
CA LYS A 203 18.73 26.44 -20.93
C LYS A 203 19.93 26.10 -20.06
N GLU A 204 21.12 25.96 -20.66
CA GLU A 204 22.22 25.23 -20.01
C GLU A 204 22.60 25.86 -18.67
N GLN A 205 22.79 27.18 -18.62
CA GLN A 205 23.21 27.82 -17.38
C GLN A 205 22.13 27.71 -16.31
N GLU A 206 20.87 27.87 -16.70
CA GLU A 206 19.78 27.74 -15.73
C GLU A 206 19.73 26.32 -15.17
N VAL A 207 19.95 25.31 -16.02
CA VAL A 207 19.80 23.92 -15.60
C VAL A 207 20.97 23.51 -14.68
N LEU A 208 22.18 23.97 -14.99
CA LEU A 208 23.30 23.82 -14.06
C LEU A 208 22.97 24.41 -12.70
N ALA A 209 22.35 25.60 -12.70
CA ALA A 209 22.02 26.26 -11.45
C ALA A 209 20.97 25.47 -10.65
N MET A 210 20.13 24.71 -11.36
CA MET A 210 19.15 23.84 -10.68
C MET A 210 19.79 22.65 -10.00
N GLY A 211 21.04 22.32 -10.33
CA GLY A 211 21.68 21.17 -9.72
C GLY A 211 22.26 20.15 -10.67
N ALA A 212 22.13 20.31 -11.99
CA ALA A 212 22.79 19.37 -12.88
C ALA A 212 24.30 19.51 -12.73
N ASP A 213 25.00 18.38 -12.56
CA ASP A 213 26.46 18.42 -12.61
C ASP A 213 26.97 18.88 -13.97
N LYS A 214 26.33 18.40 -15.05
CA LYS A 214 26.67 18.85 -16.39
C LYS A 214 25.43 18.73 -17.26
N VAL A 215 25.45 19.42 -18.38
CA VAL A 215 24.38 19.38 -19.37
C VAL A 215 24.97 18.87 -20.67
N VAL A 216 24.39 17.81 -21.22
CA VAL A 216 24.87 17.16 -22.43
C VAL A 216 23.81 17.36 -23.50
N ASN A 217 24.26 17.58 -24.75
CA ASN A 217 23.34 17.74 -25.88
C ASN A 217 22.54 16.47 -26.12
N SER A 218 21.22 16.52 -25.90
CA SER A 218 20.41 15.30 -25.98
C SER A 218 20.29 14.74 -27.40
N ARG A 219 20.65 15.54 -28.42
CA ARG A 219 20.47 15.21 -29.82
C ARG A 219 21.77 14.81 -30.49
N ASP A 220 22.86 14.68 -29.72
CA ASP A 220 24.18 14.37 -30.25
C ASP A 220 24.60 12.97 -29.79
N PRO A 221 24.38 11.93 -30.60
CA PRO A 221 24.77 10.57 -30.17
C PRO A 221 26.25 10.43 -29.83
N GLN A 222 27.13 11.20 -30.46
CA GLN A 222 28.55 11.06 -30.13
C GLN A 222 28.85 11.53 -28.72
N ALA A 223 28.07 12.50 -28.21
CA ALA A 223 28.29 12.95 -26.85
C ALA A 223 27.83 11.91 -25.83
N LEU A 224 26.81 11.13 -26.20
CA LEU A 224 26.34 10.07 -25.32
C LEU A 224 27.27 8.86 -25.36
N LYS A 225 28.02 8.69 -26.46
CA LYS A 225 28.91 7.54 -26.56
C LYS A 225 30.01 7.61 -25.51
N ALA A 226 30.47 8.83 -25.21
CA ALA A 226 31.48 9.02 -24.18
C ALA A 226 30.99 8.70 -22.79
N LEU A 227 29.68 8.58 -22.57
CA LEU A 227 29.16 8.28 -21.23
C LEU A 227 28.70 6.84 -21.10
N ALA A 228 29.24 5.94 -21.93
CA ALA A 228 28.87 4.54 -21.87
C ALA A 228 29.06 4.00 -20.46
N GLY A 229 28.02 3.34 -19.93
CA GLY A 229 28.11 2.69 -18.64
C GLY A 229 28.20 3.61 -17.42
N GLN A 230 27.77 4.86 -17.52
CA GLN A 230 27.97 5.80 -16.41
C GLN A 230 26.71 6.10 -15.58
N PHE A 231 25.58 5.41 -15.81
CA PHE A 231 24.33 5.78 -15.14
C PHE A 231 23.62 4.58 -14.55
N ASP A 232 23.13 4.75 -13.32
CA ASP A 232 22.23 3.76 -12.74
C ASP A 232 20.81 3.91 -13.27
N LEU A 233 20.38 5.13 -13.53
CA LEU A 233 19.03 5.42 -14.00
C LEU A 233 19.06 6.56 -15.00
N ILE A 234 18.31 6.44 -16.09
CA ILE A 234 18.07 7.56 -16.99
C ILE A 234 16.56 7.69 -17.13
N ILE A 235 16.04 8.87 -16.80
CA ILE A 235 14.61 9.15 -16.93
C ILE A 235 14.40 9.94 -18.22
N ASN A 236 13.55 9.43 -19.10
CA ASN A 236 13.16 10.16 -20.31
C ASN A 236 11.84 10.88 -20.08
N THR A 237 11.84 12.21 -20.25
CA THR A 237 10.61 12.99 -20.26
C THR A 237 10.22 13.46 -21.66
N VAL A 238 11.03 13.16 -22.66
CA VAL A 238 10.82 13.70 -24.01
C VAL A 238 9.66 12.95 -24.67
N ASN A 239 8.77 13.70 -25.33
CA ASN A 239 7.59 13.14 -25.99
C ASN A 239 7.86 12.71 -27.42
N VAL A 240 9.05 12.98 -27.94
CA VAL A 240 9.39 12.62 -29.30
C VAL A 240 10.36 11.45 -29.25
N SER A 241 10.48 10.77 -30.38
CA SER A 241 11.38 9.63 -30.48
C SER A 241 12.79 10.12 -30.77
N LEU A 242 13.73 9.79 -29.88
CA LEU A 242 15.14 10.10 -30.06
C LEU A 242 15.90 8.84 -30.47
N ASP A 243 17.20 8.99 -30.69
CA ASP A 243 18.11 7.87 -30.93
C ASP A 243 18.42 7.22 -29.57
N TRP A 244 17.64 6.21 -29.18
CA TRP A 244 17.67 5.75 -27.80
C TRP A 244 18.87 4.83 -27.49
N GLN A 245 19.40 4.13 -28.49
CA GLN A 245 20.43 3.13 -28.20
C GLN A 245 21.61 3.69 -27.40
N PRO A 246 22.16 4.88 -27.68
CA PRO A 246 23.28 5.34 -26.85
C PRO A 246 22.89 5.61 -25.40
N TYR A 247 21.61 5.91 -25.13
CA TYR A 247 21.15 6.02 -23.74
C TYR A 247 21.13 4.66 -23.06
N PHE A 248 20.62 3.62 -23.75
CA PHE A 248 20.71 2.27 -23.18
C PHE A 248 22.15 1.92 -22.85
N GLU A 249 23.08 2.28 -23.75
CA GLU A 249 24.47 1.94 -23.54
C GLU A 249 25.12 2.82 -22.48
N ALA A 250 24.51 3.96 -22.15
CA ALA A 250 24.98 4.81 -21.06
C ALA A 250 24.65 4.23 -19.68
N LEU A 251 23.79 3.21 -19.62
CA LEU A 251 23.48 2.54 -18.36
C LEU A 251 24.62 1.64 -17.92
N THR A 252 24.93 1.68 -16.62
CA THR A 252 25.83 0.68 -16.08
C THR A 252 25.08 -0.64 -15.92
N TYR A 253 25.79 -1.69 -15.49
CA TYR A 253 25.14 -2.98 -15.29
C TYR A 253 24.10 -2.86 -14.18
N GLY A 254 22.96 -3.50 -14.38
CA GLY A 254 21.85 -3.33 -13.47
C GLY A 254 21.11 -2.02 -13.62
N GLY A 255 21.47 -1.20 -14.60
CA GLY A 255 20.87 0.11 -14.74
C GLY A 255 19.53 0.06 -15.45
N ASN A 256 18.80 1.16 -15.34
CA ASN A 256 17.45 1.24 -15.89
C ASN A 256 17.27 2.50 -16.73
N PHE A 257 16.67 2.32 -17.91
CA PHE A 257 16.11 3.40 -18.69
C PHE A 257 14.62 3.45 -18.39
N HIS A 258 14.12 4.61 -17.96
CA HIS A 258 12.74 4.72 -17.48
C HIS A 258 12.04 5.85 -18.23
N THR A 259 11.04 5.54 -19.05
CA THR A 259 10.35 6.58 -19.80
C THR A 259 9.07 7.00 -19.09
N VAL A 260 8.94 8.30 -18.78
CA VAL A 260 7.63 8.87 -18.48
C VAL A 260 7.12 9.72 -19.64
N GLY A 261 8.00 10.15 -20.54
CA GLY A 261 7.55 10.81 -21.76
C GLY A 261 6.72 9.86 -22.62
N ALA A 262 5.68 10.42 -23.24
CA ALA A 262 4.69 9.63 -23.97
C ALA A 262 5.12 9.45 -25.43
N VAL A 263 6.14 8.61 -25.62
CA VAL A 263 6.72 8.39 -26.94
C VAL A 263 5.81 7.47 -27.74
N LEU A 264 5.37 7.93 -28.93
CA LEU A 264 4.40 7.16 -29.72
C LEU A 264 5.06 6.05 -30.52
N THR A 265 6.21 6.34 -31.12
CA THR A 265 6.93 5.30 -31.86
C THR A 265 7.59 4.34 -30.87
N PRO A 266 7.34 3.04 -30.98
CA PRO A 266 7.85 2.11 -29.95
C PRO A 266 9.35 2.17 -29.84
N LEU A 267 9.83 1.95 -28.61
CA LEU A 267 11.27 1.82 -28.40
C LEU A 267 11.77 0.55 -29.05
N SER A 268 12.93 0.65 -29.71
CA SER A 268 13.64 -0.49 -30.28
C SER A 268 14.68 -0.95 -29.27
N VAL A 269 14.45 -2.10 -28.63
CA VAL A 269 15.23 -2.52 -27.47
C VAL A 269 15.93 -3.83 -27.80
N PRO A 270 17.23 -3.80 -28.07
CA PRO A 270 17.94 -5.05 -28.38
C PRO A 270 18.04 -5.94 -27.15
N ALA A 271 17.60 -7.19 -27.30
CA ALA A 271 17.75 -8.16 -26.22
C ALA A 271 19.20 -8.24 -25.76
N PHE A 272 20.15 -8.21 -26.72
CA PHE A 272 21.57 -8.28 -26.37
C PHE A 272 21.99 -7.13 -25.47
N THR A 273 21.39 -5.95 -25.66
CA THR A 273 21.69 -4.82 -24.79
C THR A 273 21.17 -5.05 -23.37
N LEU A 274 19.99 -5.67 -23.25
CA LEU A 274 19.46 -5.99 -21.92
C LEU A 274 20.26 -7.11 -21.26
N ILE A 275 20.67 -8.12 -22.04
CA ILE A 275 21.37 -9.29 -21.48
C ILE A 275 22.76 -8.90 -21.00
N ALA A 276 23.54 -8.26 -21.86
CA ALA A 276 24.88 -7.78 -21.50
C ALA A 276 24.74 -6.63 -20.52
N GLY A 277 24.91 -6.91 -19.24
CA GLY A 277 24.78 -5.86 -18.24
C GLY A 277 23.50 -5.91 -17.44
N ASP A 278 22.61 -6.87 -17.69
CA ASP A 278 21.42 -7.07 -16.86
C ASP A 278 20.62 -5.78 -16.74
N ARG A 279 20.30 -5.18 -17.88
CA ARG A 279 19.64 -3.88 -17.91
C ARG A 279 18.14 -4.02 -18.12
N SER A 280 17.46 -2.90 -17.95
CA SER A 280 16.00 -2.84 -17.92
C SER A 280 15.51 -1.57 -18.58
N VAL A 281 14.33 -1.65 -19.16
CA VAL A 281 13.58 -0.48 -19.63
C VAL A 281 12.22 -0.52 -18.96
N SER A 282 11.79 0.62 -18.42
CA SER A 282 10.59 0.71 -17.60
C SER A 282 9.77 1.93 -18.01
N GLY A 283 8.53 1.96 -17.54
CA GLY A 283 7.72 3.17 -17.58
C GLY A 283 6.88 3.26 -16.33
N SER A 284 6.22 4.41 -16.15
CA SER A 284 5.29 4.55 -15.05
C SER A 284 4.32 5.69 -15.34
N ALA A 285 3.18 5.63 -14.67
CA ALA A 285 2.11 6.62 -14.77
C ALA A 285 1.96 7.34 -13.43
N THR A 286 2.12 8.66 -13.44
CA THR A 286 2.15 9.53 -12.25
C THR A 286 2.50 8.76 -10.98
N GLY A 287 1.54 8.53 -10.08
CA GLY A 287 1.81 7.75 -8.87
C GLY A 287 0.58 7.68 -7.97
N THR A 288 0.78 7.17 -6.76
CA THR A 288 -0.34 6.87 -5.85
C THR A 288 -0.63 8.05 -4.94
N PRO A 289 -1.79 8.05 -4.26
CA PRO A 289 -2.06 9.13 -3.28
C PRO A 289 -0.99 9.25 -2.19
N TYR A 290 -0.53 8.14 -1.63
CA TYR A 290 0.51 8.26 -0.60
C TYR A 290 1.79 8.86 -1.17
N GLU A 291 2.18 8.43 -2.38
CA GLU A 291 3.40 8.96 -2.98
C GLU A 291 3.27 10.46 -3.24
N LEU A 292 2.08 10.90 -3.65
CA LEU A 292 1.83 12.33 -3.81
C LEU A 292 1.96 13.07 -2.50
N ARG A 293 1.37 12.53 -1.43
CA ARG A 293 1.47 13.16 -0.11
C ARG A 293 2.91 13.30 0.31
N LYS A 294 3.66 12.20 0.22
CA LYS A 294 5.07 12.21 0.59
C LYS A 294 5.85 13.22 -0.25
N LEU A 295 5.58 13.27 -1.56
CA LEU A 295 6.32 14.19 -2.42
C LEU A 295 6.09 15.64 -2.01
N MET A 296 4.84 16.01 -1.74
CA MET A 296 4.57 17.40 -1.36
C MET A 296 5.30 17.77 -0.08
N ARG A 297 5.36 16.86 0.89
CA ARG A 297 6.09 17.14 2.12
C ARG A 297 7.59 17.28 1.86
N PHE A 298 8.15 16.35 1.08
CA PHE A 298 9.57 16.43 0.75
C PHE A 298 9.89 17.72 0.00
N ALA A 299 9.07 18.09 -0.98
CA ALA A 299 9.38 19.27 -1.78
C ALA A 299 9.33 20.54 -0.93
N ALA A 300 8.35 20.64 -0.04
CA ALA A 300 8.25 21.79 0.84
C ALA A 300 9.44 21.84 1.82
N ARG A 301 9.76 20.71 2.45
CA ARG A 301 10.86 20.73 3.42
C ARG A 301 12.19 21.04 2.73
N SER A 302 12.42 20.45 1.56
CA SER A 302 13.66 20.64 0.81
C SER A 302 13.68 21.93 0.00
N LYS A 303 12.58 22.69 -0.02
CA LYS A 303 12.47 23.90 -0.83
C LYS A 303 12.77 23.58 -2.30
N VAL A 304 12.17 22.50 -2.77
CA VAL A 304 12.12 22.20 -4.20
C VAL A 304 10.84 22.83 -4.74
N ALA A 305 10.98 23.85 -5.59
CA ALA A 305 9.82 24.51 -6.14
C ALA A 305 9.97 24.60 -7.64
N PRO A 306 8.96 24.21 -8.41
CA PRO A 306 9.04 24.38 -9.87
C PRO A 306 9.30 25.83 -10.22
N THR A 307 10.07 26.04 -11.29
CA THR A 307 10.25 27.37 -11.87
C THR A 307 9.04 27.68 -12.73
N THR A 308 8.34 28.76 -12.40
CA THR A 308 6.97 28.96 -12.87
C THR A 308 6.81 30.31 -13.55
N GLU A 309 5.98 30.34 -14.60
CA GLU A 309 5.52 31.57 -15.25
C GLU A 309 4.00 31.66 -15.11
N LEU A 310 3.52 32.72 -14.49
CA LEU A 310 2.09 32.86 -14.19
C LEU A 310 1.35 33.58 -15.29
N PHE A 311 0.16 33.08 -15.62
CA PHE A 311 -0.78 33.69 -16.55
C PHE A 311 -2.14 33.77 -15.86
N PRO A 312 -2.91 34.84 -16.10
CA PRO A 312 -4.30 34.83 -15.62
C PRO A 312 -5.11 33.80 -16.40
N MET A 313 -6.07 33.18 -15.71
CA MET A 313 -6.88 32.15 -16.33
C MET A 313 -7.61 32.67 -17.56
N SER A 314 -7.97 33.97 -17.57
CA SER A 314 -8.63 34.55 -18.73
C SER A 314 -7.73 34.60 -19.96
N LYS A 315 -6.41 34.53 -19.77
CA LYS A 315 -5.44 34.47 -20.86
C LYS A 315 -4.97 33.04 -21.13
N ILE A 316 -5.85 32.06 -20.91
CA ILE A 316 -5.44 30.65 -21.00
C ILE A 316 -4.97 30.31 -22.41
N ASN A 317 -5.64 30.87 -23.43
CA ASN A 317 -5.24 30.56 -24.80
C ASN A 317 -3.86 31.12 -25.11
N ASP A 318 -3.51 32.28 -24.53
CA ASP A 318 -2.13 32.76 -24.64
C ASP A 318 -1.16 31.83 -23.95
N ALA A 319 -1.51 31.35 -22.74
CA ALA A 319 -0.63 30.48 -21.98
C ALA A 319 -0.40 29.16 -22.71
N ILE A 320 -1.47 28.58 -23.28
CA ILE A 320 -1.35 27.33 -24.03
C ILE A 320 -0.37 27.49 -25.19
N GLN A 321 -0.49 28.60 -25.93
CA GLN A 321 0.39 28.80 -27.09
C GLN A 321 1.83 28.97 -26.64
N HIS A 322 2.05 29.73 -25.57
CA HIS A 322 3.36 29.85 -24.93
C HIS A 322 3.99 28.47 -24.69
N VAL A 323 3.21 27.53 -24.15
CA VAL A 323 3.73 26.19 -23.92
C VAL A 323 4.02 25.50 -25.25
N ARG A 324 3.05 25.54 -26.18
CA ARG A 324 3.23 24.91 -27.49
C ARG A 324 4.50 25.41 -28.19
N ASP A 325 4.78 26.71 -28.09
CA ASP A 325 5.94 27.29 -28.75
C ASP A 325 7.25 27.00 -28.03
N GLY A 326 7.24 26.13 -27.01
CA GLY A 326 8.49 25.80 -26.33
C GLY A 326 9.05 26.87 -25.42
N LYS A 327 8.23 27.84 -25.00
CA LYS A 327 8.75 28.98 -24.26
C LYS A 327 8.67 28.81 -22.74
N ALA A 328 7.95 27.81 -22.24
CA ALA A 328 7.81 27.64 -20.79
C ALA A 328 9.18 27.56 -20.12
N ARG A 329 9.36 28.37 -19.06
CA ARG A 329 10.57 28.36 -18.24
C ARG A 329 10.13 28.34 -16.77
N TYR A 330 9.80 27.15 -16.25
CA TYR A 330 9.83 25.89 -17.00
C TYR A 330 8.45 25.22 -16.99
N ARG A 331 7.53 25.82 -16.24
CA ARG A 331 6.14 25.38 -16.18
C ARG A 331 5.27 26.62 -16.19
N VAL A 332 4.26 26.65 -17.06
CA VAL A 332 3.25 27.70 -16.97
C VAL A 332 2.22 27.33 -15.92
N VAL A 333 1.85 28.29 -15.08
CA VAL A 333 0.78 28.12 -14.10
C VAL A 333 -0.29 29.17 -14.37
N LEU A 334 -1.55 28.73 -14.40
CA LEU A 334 -2.68 29.64 -14.55
C LEU A 334 -3.18 30.07 -13.18
N LYS A 335 -3.46 31.35 -13.01
CA LYS A 335 -4.04 31.89 -11.78
C LYS A 335 -5.52 32.16 -12.00
N ALA A 336 -6.34 31.71 -11.06
CA ALA A 336 -7.79 31.83 -11.21
C ALA A 336 -8.29 33.17 -10.71
N MET B 1 -31.15 -7.00 18.47
CA MET B 1 -30.14 -7.50 19.40
C MET B 1 -29.38 -8.71 18.85
N ILE B 2 -28.15 -8.90 19.34
CA ILE B 2 -27.27 -9.98 18.90
C ILE B 2 -26.98 -10.87 20.09
N LYS B 3 -27.19 -12.18 19.92
CA LYS B 3 -26.84 -13.16 20.93
C LYS B 3 -25.36 -13.53 20.81
N SER B 4 -24.64 -13.49 21.93
CA SER B 4 -23.20 -13.74 21.94
C SER B 4 -22.86 -14.53 23.20
N TYR B 5 -21.57 -14.86 23.33
CA TYR B 5 -21.03 -15.45 24.55
C TYR B 5 -19.99 -14.50 25.10
N ALA B 6 -20.23 -13.98 26.31
CA ALA B 6 -19.44 -12.90 26.87
C ALA B 6 -18.84 -13.31 28.21
N ALA B 7 -17.65 -12.79 28.47
CA ALA B 7 -17.06 -12.86 29.81
C ALA B 7 -17.47 -11.62 30.58
N LYS B 8 -17.96 -11.81 31.79
CA LYS B 8 -18.43 -10.68 32.60
C LYS B 8 -17.34 -10.14 33.53
N GLU B 9 -16.27 -10.91 33.73
CA GLU B 9 -15.13 -10.44 34.50
C GLU B 9 -13.88 -11.14 33.98
N ALA B 10 -12.73 -10.56 34.33
CA ALA B 10 -11.45 -11.12 33.90
C ALA B 10 -11.35 -12.58 34.30
N GLY B 11 -11.03 -13.44 33.32
CA GLY B 11 -10.89 -14.85 33.55
C GLY B 11 -12.18 -15.62 33.75
N GLY B 12 -13.32 -14.99 33.54
CA GLY B 12 -14.58 -15.66 33.77
C GLY B 12 -14.97 -16.60 32.65
N GLU B 13 -15.86 -17.53 32.99
CA GLU B 13 -16.53 -18.32 31.98
C GLU B 13 -17.47 -17.45 31.18
N LEU B 14 -17.77 -17.89 29.95
CA LEU B 14 -18.61 -17.13 29.05
C LEU B 14 -20.08 -17.46 29.31
N GLU B 15 -20.91 -16.42 29.35
CA GLU B 15 -22.34 -16.55 29.53
C GLU B 15 -23.05 -16.01 28.31
N VAL B 16 -24.23 -16.58 28.04
CA VAL B 16 -25.11 -16.01 27.03
C VAL B 16 -25.36 -14.55 27.35
N TYR B 17 -25.27 -13.71 26.33
CA TYR B 17 -25.33 -12.27 26.53
C TYR B 17 -25.83 -11.63 25.24
N GLU B 18 -26.83 -10.77 25.36
CA GLU B 18 -27.39 -10.07 24.22
C GLU B 18 -27.05 -8.60 24.32
N TYR B 19 -26.78 -7.98 23.18
CA TYR B 19 -26.44 -6.57 23.15
C TYR B 19 -27.05 -5.93 21.93
N ASP B 20 -27.22 -4.61 22.01
CA ASP B 20 -27.75 -3.84 20.90
C ASP B 20 -26.58 -3.21 20.14
N PRO B 21 -26.37 -3.56 18.87
CA PRO B 21 -25.26 -2.97 18.12
C PRO B 21 -25.51 -1.54 17.69
N GLY B 22 -26.72 -1.02 17.87
CA GLY B 22 -27.04 0.28 17.35
C GLY B 22 -27.26 0.20 15.85
N GLU B 23 -27.37 1.37 15.23
CA GLU B 23 -27.55 1.41 13.79
C GLU B 23 -26.25 1.02 13.07
N LEU B 24 -26.41 0.48 11.87
CA LEU B 24 -25.26 0.11 11.04
C LEU B 24 -24.54 1.37 10.57
N ARG B 25 -23.26 1.50 10.93
CA ARG B 25 -22.47 2.62 10.47
C ARG B 25 -22.36 2.60 8.94
N PRO B 26 -22.15 3.76 8.31
CA PRO B 26 -22.12 3.78 6.83
C PRO B 26 -21.12 2.81 6.22
N GLN B 27 -19.96 2.65 6.85
CA GLN B 27 -18.90 1.80 6.33
C GLN B 27 -18.96 0.37 6.86
N ASP B 28 -19.99 0.03 7.63
CA ASP B 28 -20.07 -1.24 8.33
C ASP B 28 -20.57 -2.35 7.40
N VAL B 29 -20.17 -3.58 7.73
CA VAL B 29 -20.68 -4.79 7.12
C VAL B 29 -21.10 -5.72 8.25
N GLU B 30 -22.32 -6.22 8.20
CA GLU B 30 -22.80 -7.17 9.20
C GLU B 30 -22.63 -8.58 8.67
N VAL B 31 -22.04 -9.45 9.47
CA VAL B 31 -21.69 -10.79 9.03
C VAL B 31 -22.29 -11.80 9.98
N GLN B 32 -22.96 -12.79 9.41
CA GLN B 32 -23.53 -13.89 10.18
C GLN B 32 -22.47 -14.97 10.35
N VAL B 33 -22.13 -15.28 11.59
CA VAL B 33 -21.03 -16.20 11.86
C VAL B 33 -21.44 -17.63 11.48
N ASP B 34 -20.61 -18.27 10.65
CA ASP B 34 -20.69 -19.71 10.42
C ASP B 34 -19.67 -20.48 11.25
N TYR B 35 -18.41 -20.04 11.27
CA TYR B 35 -17.39 -20.63 12.11
C TYR B 35 -16.56 -19.53 12.74
N CYS B 36 -15.89 -19.86 13.85
CA CYS B 36 -14.96 -18.93 14.47
C CYS B 36 -13.89 -19.72 15.21
N GLY B 37 -12.63 -19.53 14.81
CA GLY B 37 -11.54 -20.16 15.52
C GLY B 37 -11.38 -19.59 16.91
N ILE B 38 -10.68 -20.35 17.77
CA ILE B 38 -10.30 -19.87 19.09
C ILE B 38 -8.78 -19.66 19.09
N CYS B 39 -8.37 -18.43 19.38
CA CYS B 39 -6.97 -18.02 19.34
C CYS B 39 -6.47 -17.79 20.75
N HIS B 40 -5.18 -18.04 20.98
CA HIS B 40 -4.65 -17.76 22.31
C HIS B 40 -4.88 -16.31 22.70
N SER B 41 -4.91 -15.39 21.72
CA SER B 41 -5.22 -13.99 22.04
C SER B 41 -6.61 -13.84 22.64
N ASP B 42 -7.56 -14.70 22.25
CA ASP B 42 -8.89 -14.67 22.86
C ASP B 42 -8.79 -14.99 24.36
N LEU B 43 -8.00 -16.00 24.73
CA LEU B 43 -7.78 -16.29 26.14
C LEU B 43 -7.11 -15.10 26.83
N SER B 44 -6.08 -14.53 26.20
CA SER B 44 -5.41 -13.37 26.77
C SER B 44 -6.39 -12.23 27.05
N MET B 45 -7.32 -11.99 26.13
CA MET B 45 -8.25 -10.89 26.35
C MET B 45 -9.27 -11.23 27.42
N ILE B 46 -9.79 -12.46 27.41
CA ILE B 46 -10.72 -12.88 28.45
C ILE B 46 -10.10 -12.71 29.82
N ASP B 47 -8.85 -13.12 29.96
CA ASP B 47 -8.14 -13.02 31.23
C ASP B 47 -7.58 -11.62 31.50
N ASN B 48 -7.72 -10.69 30.55
CA ASN B 48 -7.11 -9.36 30.67
C ASN B 48 -5.61 -9.45 30.95
N GLU B 49 -4.96 -10.39 30.27
CA GLU B 49 -3.51 -10.55 30.39
C GLU B 49 -2.76 -9.32 29.90
N TRP B 50 -3.36 -8.51 29.05
CA TRP B 50 -2.69 -7.38 28.41
C TRP B 50 -3.15 -6.03 28.93
N GLY B 51 -4.15 -6.00 29.80
CA GLY B 51 -4.51 -4.81 30.53
C GLY B 51 -5.48 -3.87 29.87
N PHE B 52 -6.08 -4.24 28.73
CA PHE B 52 -7.03 -3.32 28.12
C PHE B 52 -8.38 -3.97 27.82
N SER B 53 -8.68 -5.10 28.45
CA SER B 53 -9.98 -5.75 28.25
C SER B 53 -11.09 -4.96 28.93
N GLN B 54 -12.24 -4.87 28.28
CA GLN B 54 -13.43 -4.26 28.84
C GLN B 54 -14.56 -5.28 28.87
N TYR B 55 -15.28 -5.35 30.00
CA TYR B 55 -16.32 -6.36 30.19
C TYR B 55 -17.71 -5.72 30.26
N PRO B 56 -18.76 -6.39 29.79
CA PRO B 56 -18.77 -7.72 29.15
C PRO B 56 -17.96 -7.76 27.85
N LEU B 57 -17.21 -8.85 27.67
CA LEU B 57 -16.24 -8.99 26.59
C LEU B 57 -16.68 -10.13 25.69
N VAL B 58 -16.92 -9.82 24.41
CA VAL B 58 -17.25 -10.81 23.39
C VAL B 58 -16.01 -10.97 22.52
N ALA B 59 -15.28 -12.07 22.73
CA ALA B 59 -14.05 -12.33 21.99
C ALA B 59 -14.37 -13.06 20.68
N GLY B 60 -13.40 -13.77 20.13
CA GLY B 60 -13.57 -14.40 18.83
C GLY B 60 -13.25 -13.47 17.69
N HIS B 61 -12.31 -13.86 16.82
CA HIS B 61 -11.91 -12.97 15.73
C HIS B 61 -11.30 -13.74 14.55
N GLU B 62 -11.75 -14.97 14.34
CA GLU B 62 -11.25 -15.81 13.26
C GLU B 62 -12.47 -16.40 12.56
N VAL B 63 -13.21 -15.52 11.89
CA VAL B 63 -14.60 -15.76 11.54
C VAL B 63 -14.72 -16.05 10.06
N ILE B 64 -15.42 -17.12 9.72
CA ILE B 64 -15.96 -17.34 8.40
C ILE B 64 -17.47 -17.21 8.51
N GLY B 65 -18.06 -16.40 7.66
CA GLY B 65 -19.48 -16.14 7.73
C GLY B 65 -19.99 -15.64 6.40
N ARG B 66 -21.20 -15.08 6.44
CA ARG B 66 -21.88 -14.57 5.25
C ARG B 66 -22.37 -13.17 5.52
N VAL B 67 -22.26 -12.31 4.51
CA VAL B 67 -22.71 -10.93 4.60
C VAL B 67 -24.22 -10.91 4.71
N VAL B 68 -24.75 -10.27 5.76
CA VAL B 68 -26.19 -10.12 5.92
C VAL B 68 -26.66 -8.68 5.82
N ALA B 69 -25.77 -7.69 5.95
CA ALA B 69 -26.20 -6.31 5.81
C ALA B 69 -25.00 -5.44 5.43
N LEU B 70 -25.25 -4.43 4.59
CA LEU B 70 -24.24 -3.49 4.15
C LEU B 70 -24.65 -2.07 4.54
N GLY B 71 -23.73 -1.34 5.16
CA GLY B 71 -23.98 0.05 5.52
C GLY B 71 -24.20 0.93 4.29
N SER B 72 -24.61 2.17 4.56
CA SER B 72 -25.02 3.07 3.47
C SER B 72 -23.84 3.49 2.60
N ALA B 73 -22.62 3.47 3.13
CA ALA B 73 -21.44 3.79 2.34
C ALA B 73 -20.64 2.54 1.98
N ALA B 74 -21.27 1.37 2.08
CA ALA B 74 -20.60 0.09 1.83
C ALA B 74 -21.25 -0.69 0.70
N GLN B 75 -22.02 -0.03 -0.18
CA GLN B 75 -22.86 -0.71 -1.16
C GLN B 75 -22.14 -1.05 -2.45
N ASP B 76 -21.10 -0.31 -2.82
CA ASP B 76 -20.37 -0.59 -4.06
C ASP B 76 -18.90 -0.80 -3.74
N LYS B 77 -18.61 -1.71 -2.80
CA LYS B 77 -17.27 -2.00 -2.34
C LYS B 77 -16.89 -3.45 -2.62
N GLY B 78 -17.48 -4.03 -3.65
CA GLY B 78 -17.18 -5.39 -4.03
C GLY B 78 -17.78 -6.49 -3.18
N LEU B 79 -18.65 -6.16 -2.22
CA LEU B 79 -19.30 -7.17 -1.40
C LEU B 79 -20.80 -7.19 -1.70
N GLN B 80 -21.38 -8.39 -1.65
CA GLN B 80 -22.82 -8.56 -1.82
C GLN B 80 -23.38 -9.33 -0.62
N VAL B 81 -24.65 -9.03 -0.29
CA VAL B 81 -25.35 -9.83 0.71
C VAL B 81 -25.30 -11.30 0.30
N GLY B 82 -25.06 -12.17 1.28
CA GLY B 82 -24.91 -13.58 1.02
C GLY B 82 -23.48 -14.03 0.71
N GLN B 83 -22.56 -13.12 0.43
CA GLN B 83 -21.19 -13.51 0.11
C GLN B 83 -20.52 -14.10 1.34
N ARG B 84 -19.85 -15.24 1.14
CA ARG B 84 -19.02 -15.83 2.20
C ARG B 84 -17.75 -15.00 2.36
N VAL B 85 -17.45 -14.60 3.59
CA VAL B 85 -16.36 -13.66 3.87
C VAL B 85 -15.67 -14.08 5.17
N GLY B 86 -14.53 -13.45 5.42
CA GLY B 86 -13.79 -13.66 6.66
C GLY B 86 -13.57 -12.35 7.37
N ILE B 87 -13.43 -12.43 8.70
CA ILE B 87 -13.05 -11.30 9.52
C ILE B 87 -12.00 -11.77 10.51
N GLY B 88 -10.92 -11.00 10.63
CA GLY B 88 -9.81 -11.37 11.50
C GLY B 88 -9.73 -10.57 12.79
N TRP B 89 -8.49 -10.38 13.28
CA TRP B 89 -8.28 -9.65 14.53
C TRP B 89 -8.76 -8.20 14.46
N THR B 90 -8.63 -7.54 13.30
CA THR B 90 -8.92 -6.12 13.19
C THR B 90 -10.26 -5.91 12.51
N ALA B 91 -11.02 -4.92 12.99
CA ALA B 91 -12.34 -4.61 12.45
C ALA B 91 -12.48 -3.24 11.81
N ARG B 92 -11.68 -2.26 12.22
CA ARG B 92 -11.87 -0.87 11.84
C ARG B 92 -10.54 -0.16 11.70
N SER B 93 -10.44 0.70 10.68
CA SER B 93 -9.37 1.69 10.60
C SER B 93 -9.94 2.92 9.91
N CYS B 94 -9.19 4.03 9.99
CA CYS B 94 -9.74 5.31 9.58
C CYS B 94 -9.80 5.47 8.06
N GLY B 95 -8.89 4.86 7.32
CA GLY B 95 -8.95 4.87 5.87
C GLY B 95 -8.28 6.04 5.20
N HIS B 96 -7.94 7.10 5.93
CA HIS B 96 -7.46 8.32 5.30
C HIS B 96 -6.09 8.79 5.81
N CYS B 97 -5.56 8.23 6.90
CA CYS B 97 -4.22 8.61 7.30
C CYS B 97 -3.19 8.04 6.32
N ASP B 98 -1.93 8.47 6.47
CA ASP B 98 -0.89 8.00 5.56
C ASP B 98 -0.79 6.48 5.56
N ALA B 99 -0.86 5.86 6.74
CA ALA B 99 -0.78 4.41 6.85
C ALA B 99 -1.92 3.75 6.09
N CYS B 100 -3.17 4.19 6.33
CA CYS B 100 -4.30 3.54 5.67
C CYS B 100 -4.28 3.76 4.16
N ILE B 101 -4.04 4.99 3.71
CA ILE B 101 -4.14 5.25 2.28
C ILE B 101 -2.99 4.60 1.48
N SER B 102 -1.92 4.19 2.14
CA SER B 102 -0.81 3.49 1.51
C SER B 102 -0.94 1.96 1.57
N GLY B 103 -2.08 1.43 1.99
CA GLY B 103 -2.23 -0.01 2.07
C GLY B 103 -1.66 -0.60 3.34
N ASN B 104 -1.47 0.22 4.37
CA ASN B 104 -0.87 -0.20 5.63
C ASN B 104 -1.87 0.02 6.75
N GLN B 105 -3.11 -0.44 6.52
CA GLN B 105 -4.22 -0.16 7.42
C GLN B 105 -4.00 -0.71 8.82
N ILE B 106 -3.26 -1.81 8.95
CA ILE B 106 -2.98 -2.35 10.28
C ILE B 106 -2.26 -1.31 11.13
N ASN B 107 -1.52 -0.40 10.51
CA ASN B 107 -0.77 0.61 11.23
C ASN B 107 -1.45 1.98 11.24
N CYS B 108 -2.77 2.00 11.05
CA CYS B 108 -3.56 3.22 11.11
C CYS B 108 -3.10 4.12 12.25
N GLU B 109 -2.86 5.38 11.94
CA GLU B 109 -2.31 6.30 12.93
C GLU B 109 -3.34 6.72 13.97
N GLN B 110 -4.63 6.49 13.71
CA GLN B 110 -5.64 6.65 14.74
C GLN B 110 -5.78 5.41 15.63
N GLY B 111 -5.07 4.33 15.32
CA GLY B 111 -5.25 3.09 16.05
C GLY B 111 -6.29 2.18 15.42
N ALA B 112 -5.84 1.11 14.77
CA ALA B 112 -6.77 0.13 14.23
C ALA B 112 -7.53 -0.56 15.36
N VAL B 113 -8.84 -0.71 15.20
CA VAL B 113 -9.71 -1.17 16.27
C VAL B 113 -9.81 -2.69 16.20
N PRO B 114 -9.43 -3.42 17.25
CA PRO B 114 -9.61 -4.88 17.23
C PRO B 114 -11.08 -5.27 17.19
N THR B 115 -11.37 -6.30 16.40
CA THR B 115 -12.69 -6.90 16.33
C THR B 115 -13.29 -7.16 17.72
N ILE B 116 -12.48 -7.63 18.66
CA ILE B 116 -12.98 -7.97 20.00
C ILE B 116 -13.48 -6.72 20.72
N MET B 117 -12.76 -5.59 20.62
CA MET B 117 -13.20 -4.37 21.28
C MET B 117 -14.54 -3.91 20.75
N ASN B 118 -14.82 -4.26 19.50
CA ASN B 118 -16.02 -3.91 18.77
C ASN B 118 -17.15 -4.90 18.98
N ARG B 119 -16.93 -5.95 19.79
CA ARG B 119 -17.75 -7.16 19.92
C ARG B 119 -17.44 -8.13 18.78
N GLY B 120 -16.97 -9.32 19.14
CA GLY B 120 -16.30 -10.24 18.24
C GLY B 120 -17.17 -11.37 17.72
N GLY B 121 -16.51 -12.48 17.36
CA GLY B 121 -17.13 -13.57 16.65
C GLY B 121 -17.71 -14.69 17.48
N PHE B 122 -17.48 -14.69 18.79
CA PHE B 122 -18.18 -15.62 19.66
C PHE B 122 -19.64 -15.18 19.75
N ALA B 123 -20.39 -15.32 18.67
CA ALA B 123 -21.71 -14.73 18.56
C ALA B 123 -22.36 -15.22 17.27
N GLU B 124 -23.61 -14.84 17.07
CA GLU B 124 -24.32 -15.21 15.86
C GLU B 124 -24.07 -14.21 14.73
N LYS B 125 -23.73 -12.98 15.08
CA LYS B 125 -23.45 -11.93 14.10
C LYS B 125 -22.35 -11.03 14.68
N LEU B 126 -21.67 -10.31 13.78
CA LEU B 126 -20.73 -9.27 14.18
C LEU B 126 -20.57 -8.31 13.01
N ARG B 127 -19.90 -7.19 13.27
CA ARG B 127 -19.76 -6.12 12.29
C ARG B 127 -18.28 -5.70 12.18
N ALA B 128 -17.91 -5.24 10.99
CA ALA B 128 -16.58 -4.69 10.72
C ALA B 128 -16.68 -3.68 9.58
N ASP B 129 -15.67 -2.81 9.49
CA ASP B 129 -15.50 -1.98 8.31
C ASP B 129 -15.35 -2.87 7.07
N TRP B 130 -15.87 -2.38 5.94
CA TRP B 130 -15.80 -3.20 4.73
C TRP B 130 -14.35 -3.49 4.33
N GLN B 131 -13.41 -2.58 4.65
CA GLN B 131 -12.02 -2.82 4.30
C GLN B 131 -11.47 -4.06 4.99
N TRP B 132 -12.02 -4.41 6.16
CA TRP B 132 -11.50 -5.51 6.95
C TRP B 132 -12.31 -6.78 6.79
N VAL B 133 -13.30 -6.77 5.90
CA VAL B 133 -14.04 -7.98 5.54
C VAL B 133 -13.33 -8.60 4.35
N ILE B 134 -12.83 -9.82 4.51
CA ILE B 134 -11.89 -10.42 3.57
C ILE B 134 -12.66 -11.32 2.60
N PRO B 135 -12.68 -11.03 1.31
CA PRO B 135 -13.28 -11.97 0.36
C PRO B 135 -12.47 -13.26 0.27
N LEU B 136 -13.17 -14.34 -0.09
CA LEU B 136 -12.61 -15.68 -0.01
C LEU B 136 -12.55 -16.34 -1.39
N PRO B 137 -11.54 -17.17 -1.62
CA PRO B 137 -11.51 -17.93 -2.87
C PRO B 137 -12.67 -18.93 -2.90
N GLU B 138 -13.09 -19.24 -4.13
CA GLU B 138 -14.27 -20.07 -4.33
C GLU B 138 -14.13 -21.43 -3.65
N ASN B 139 -12.99 -22.09 -3.83
CA ASN B 139 -12.85 -23.49 -3.44
C ASN B 139 -12.23 -23.70 -2.05
N ILE B 140 -12.15 -22.66 -1.21
CA ILE B 140 -11.47 -22.81 0.06
C ILE B 140 -12.28 -23.70 0.99
N ASP B 141 -11.60 -24.55 1.75
CA ASP B 141 -12.27 -25.35 2.76
C ASP B 141 -12.82 -24.44 3.85
N ILE B 142 -14.15 -24.37 3.96
CA ILE B 142 -14.82 -23.39 4.82
C ILE B 142 -14.62 -23.73 6.31
N GLU B 143 -14.67 -25.02 6.66
CA GLU B 143 -14.63 -25.39 8.08
C GLU B 143 -13.30 -25.02 8.72
N SER B 144 -12.20 -25.05 7.97
CA SER B 144 -10.89 -24.85 8.55
C SER B 144 -10.29 -23.49 8.21
N ALA B 145 -11.00 -22.66 7.46
CA ALA B 145 -10.40 -21.43 6.94
C ALA B 145 -10.26 -20.36 8.01
N GLY B 146 -11.15 -20.38 9.02
CA GLY B 146 -11.21 -19.33 10.01
C GLY B 146 -9.88 -18.90 10.59
N PRO B 147 -9.08 -19.85 11.09
CA PRO B 147 -7.79 -19.47 11.70
C PRO B 147 -6.80 -18.83 10.73
N LEU B 148 -6.96 -19.02 9.42
CA LEU B 148 -6.10 -18.32 8.47
C LEU B 148 -6.20 -16.81 8.64
N LEU B 149 -7.35 -16.30 9.10
CA LEU B 149 -7.61 -14.87 9.16
C LEU B 149 -6.85 -14.18 10.28
N CYS B 150 -6.26 -14.94 11.19
CA CYS B 150 -5.44 -14.32 12.23
C CYS B 150 -4.17 -15.14 12.42
N GLY B 151 -4.31 -16.42 12.75
CA GLY B 151 -3.15 -17.27 12.85
C GLY B 151 -2.37 -17.34 11.55
N GLY B 152 -3.07 -17.37 10.41
CA GLY B 152 -2.39 -17.49 9.13
C GLY B 152 -1.66 -16.22 8.72
N ILE B 153 -2.37 -15.09 8.74
CA ILE B 153 -1.74 -13.81 8.35
C ILE B 153 -0.59 -13.48 9.29
N THR B 154 -0.73 -13.83 10.58
CA THR B 154 0.25 -13.40 11.56
C THR B 154 1.61 -14.04 11.29
N VAL B 155 1.63 -15.32 10.91
CA VAL B 155 2.89 -15.96 10.54
C VAL B 155 3.26 -15.71 9.07
N PHE B 156 2.30 -15.32 8.24
CA PHE B 156 2.59 -14.98 6.85
C PHE B 156 3.32 -13.64 6.77
N LYS B 157 2.97 -12.68 7.63
CA LYS B 157 3.55 -11.35 7.54
C LYS B 157 5.07 -11.36 7.66
N PRO B 158 5.70 -12.06 8.62
CA PRO B 158 7.17 -12.10 8.62
C PRO B 158 7.75 -12.70 7.34
N LEU B 159 7.06 -13.65 6.70
CA LEU B 159 7.59 -14.17 5.43
C LEU B 159 7.69 -13.06 4.40
N LEU B 160 6.73 -12.12 4.42
CA LEU B 160 6.77 -10.96 3.54
C LEU B 160 7.83 -9.96 3.97
N MET B 161 7.86 -9.61 5.27
CA MET B 161 8.76 -8.56 5.74
C MET B 161 10.21 -8.94 5.48
N HIS B 162 10.55 -10.20 5.63
CA HIS B 162 11.94 -10.62 5.50
C HIS B 162 12.21 -11.32 4.18
N HIS B 163 11.30 -11.19 3.22
CA HIS B 163 11.56 -11.58 1.83
C HIS B 163 11.97 -13.04 1.75
N ILE B 164 11.18 -13.89 2.41
CA ILE B 164 11.43 -15.34 2.42
C ILE B 164 11.11 -15.92 1.06
N THR B 165 12.00 -16.78 0.55
CA THR B 165 11.77 -17.54 -0.67
C THR B 165 12.10 -19.00 -0.41
N ALA B 166 11.97 -19.81 -1.46
CA ALA B 166 12.18 -21.26 -1.35
C ALA B 166 13.60 -21.59 -0.89
N THR B 167 14.58 -20.73 -1.12
CA THR B 167 15.94 -21.05 -0.66
C THR B 167 16.16 -20.69 0.82
N SER B 168 15.20 -20.06 1.47
CA SER B 168 15.36 -19.63 2.85
C SER B 168 15.36 -20.82 3.82
N ARG B 169 16.05 -20.65 4.93
CA ARG B 169 16.08 -21.61 6.03
C ARG B 169 15.33 -20.98 7.19
N VAL B 170 14.18 -21.55 7.54
CA VAL B 170 13.25 -20.89 8.45
C VAL B 170 12.95 -21.84 9.61
N GLY B 171 13.03 -21.33 10.83
CA GLY B 171 12.60 -22.07 12.01
C GLY B 171 11.34 -21.48 12.60
N VAL B 172 10.55 -22.32 13.27
CA VAL B 172 9.31 -21.91 13.92
C VAL B 172 9.33 -22.44 15.35
N ILE B 173 9.22 -21.54 16.33
CA ILE B 173 9.21 -21.91 17.75
C ILE B 173 7.77 -22.01 18.23
N GLY B 174 7.38 -23.20 18.69
CA GLY B 174 6.06 -23.39 19.26
C GLY B 174 5.10 -23.81 18.18
N ILE B 175 4.78 -25.11 18.11
CA ILE B 175 3.93 -25.57 17.04
C ILE B 175 2.52 -25.73 17.58
N GLY B 176 1.87 -24.61 17.86
CA GLY B 176 0.45 -24.54 18.22
C GLY B 176 -0.38 -24.08 17.04
N GLY B 177 -1.36 -23.24 17.32
CA GLY B 177 -2.22 -22.74 16.26
C GLY B 177 -1.44 -21.97 15.21
N LEU B 178 -0.75 -20.91 15.63
CA LEU B 178 0.04 -20.13 14.68
C LEU B 178 1.17 -20.97 14.10
N GLY B 179 1.90 -21.66 14.98
CA GLY B 179 3.11 -22.36 14.56
C GLY B 179 2.85 -23.42 13.50
N HIS B 180 1.78 -24.20 13.65
CA HIS B 180 1.57 -25.28 12.70
C HIS B 180 1.14 -24.74 11.35
N ILE B 181 0.42 -23.63 11.33
CA ILE B 181 0.12 -22.98 10.05
C ILE B 181 1.40 -22.49 9.40
N ALA B 182 2.32 -21.92 10.20
CA ALA B 182 3.64 -21.54 9.70
C ALA B 182 4.35 -22.70 9.01
N ILE B 183 4.37 -23.87 9.65
CA ILE B 183 5.02 -25.02 9.05
C ILE B 183 4.37 -25.36 7.70
N LYS B 184 3.04 -25.37 7.65
CA LYS B 184 2.37 -25.71 6.39
C LYS B 184 2.68 -24.68 5.31
N LEU B 185 2.74 -23.40 5.68
CA LEU B 185 3.01 -22.36 4.69
C LEU B 185 4.44 -22.47 4.17
N LEU B 186 5.40 -22.68 5.08
CA LEU B 186 6.79 -22.78 4.65
C LEU B 186 7.00 -23.98 3.76
N HIS B 187 6.31 -25.09 4.05
CA HIS B 187 6.42 -26.26 3.20
C HIS B 187 5.94 -25.96 1.79
N ALA B 188 4.78 -25.31 1.67
CA ALA B 188 4.26 -24.96 0.35
C ALA B 188 5.18 -23.99 -0.39
N MET B 189 6.03 -23.27 0.33
CA MET B 189 6.93 -22.33 -0.30
C MET B 189 8.26 -22.95 -0.71
N GLY B 190 8.47 -24.23 -0.39
CA GLY B 190 9.70 -24.94 -0.73
C GLY B 190 10.89 -24.64 0.15
N CYS B 191 10.68 -23.94 1.28
CA CYS B 191 11.77 -23.58 2.18
C CYS B 191 12.36 -24.81 2.88
N GLU B 192 13.55 -24.62 3.44
CA GLU B 192 14.03 -25.49 4.50
C GLU B 192 13.32 -25.09 5.79
N VAL B 193 12.71 -26.06 6.48
CA VAL B 193 11.84 -25.75 7.61
C VAL B 193 12.25 -26.57 8.81
N THR B 194 12.48 -25.90 9.94
CA THR B 194 12.72 -26.58 11.20
C THR B 194 11.64 -26.17 12.20
N ALA B 195 11.04 -27.16 12.87
CA ALA B 195 10.09 -26.92 13.93
C ALA B 195 10.78 -27.09 15.28
N PHE B 196 10.60 -26.13 16.17
CA PHE B 196 11.08 -26.20 17.55
C PHE B 196 9.86 -26.39 18.45
N SER B 197 9.80 -27.54 19.14
CA SER B 197 8.61 -27.94 19.88
C SER B 197 9.00 -28.51 21.24
N SER B 198 8.16 -28.27 22.25
CA SER B 198 8.38 -28.82 23.58
C SER B 198 7.62 -30.12 23.83
N ASN B 199 6.89 -30.63 22.84
CA ASN B 199 6.02 -31.79 23.05
C ASN B 199 6.41 -32.93 22.11
N PRO B 200 7.08 -33.99 22.62
CA PRO B 200 7.43 -35.12 21.74
C PRO B 200 6.22 -35.79 21.10
N ALA B 201 5.04 -35.70 21.73
CA ALA B 201 3.85 -36.28 21.14
C ALA B 201 3.48 -35.63 19.81
N LYS B 202 3.95 -34.40 19.56
CA LYS B 202 3.64 -33.68 18.32
C LYS B 202 4.57 -34.04 17.17
N GLU B 203 5.71 -34.68 17.45
CA GLU B 203 6.79 -34.74 16.46
C GLU B 203 6.34 -35.33 15.14
N GLN B 204 5.71 -36.51 15.16
CA GLN B 204 5.41 -37.20 13.90
C GLN B 204 4.42 -36.42 13.05
N GLU B 205 3.40 -35.81 13.68
CA GLU B 205 2.44 -35.06 12.89
C GLU B 205 3.07 -33.78 12.34
N VAL B 206 3.98 -33.16 13.09
CA VAL B 206 4.62 -31.94 12.61
C VAL B 206 5.56 -32.24 11.45
N LEU B 207 6.26 -33.37 11.50
CA LEU B 207 7.03 -33.80 10.32
C LEU B 207 6.10 -33.98 9.12
N ALA B 208 4.94 -34.60 9.33
CA ALA B 208 3.97 -34.79 8.26
C ALA B 208 3.41 -33.48 7.73
N MET B 209 3.46 -32.41 8.52
CA MET B 209 3.04 -31.10 8.02
C MET B 209 4.07 -30.46 7.11
N GLY B 210 5.31 -30.93 7.14
CA GLY B 210 6.33 -30.39 6.28
C GLY B 210 7.60 -29.95 6.98
N ALA B 211 7.71 -30.11 8.30
CA ALA B 211 8.96 -29.77 8.96
C ALA B 211 10.04 -30.77 8.55
N ASP B 212 11.23 -30.26 8.21
CA ASP B 212 12.33 -31.16 7.87
C ASP B 212 12.83 -31.91 9.10
N LYS B 213 12.79 -31.26 10.24
CA LYS B 213 13.09 -31.93 11.50
C LYS B 213 12.38 -31.16 12.60
N VAL B 214 12.20 -31.83 13.74
CA VAL B 214 11.64 -31.21 14.94
C VAL B 214 12.73 -31.24 16.01
N VAL B 215 12.99 -30.09 16.62
CA VAL B 215 14.00 -29.93 17.65
C VAL B 215 13.31 -29.60 18.96
N ASN B 216 13.78 -30.17 20.07
CA ASN B 216 13.23 -29.84 21.38
C ASN B 216 13.47 -28.35 21.71
N SER B 217 12.40 -27.59 21.87
CA SER B 217 12.50 -26.16 22.12
C SER B 217 13.02 -25.81 23.52
N ARG B 218 12.99 -26.74 24.46
CA ARG B 218 13.48 -26.54 25.82
C ARG B 218 14.86 -27.18 26.06
N ASP B 219 15.60 -27.59 25.00
CA ASP B 219 16.95 -28.16 25.12
C ASP B 219 18.00 -27.20 24.56
N PRO B 220 18.75 -26.49 25.42
CA PRO B 220 19.77 -25.54 24.91
C PRO B 220 20.87 -26.19 24.10
N GLN B 221 21.26 -27.42 24.42
CA GLN B 221 22.34 -28.07 23.68
C GLN B 221 21.92 -28.43 22.27
N ALA B 222 20.64 -28.78 22.07
CA ALA B 222 20.13 -29.03 20.73
C ALA B 222 20.22 -27.79 19.85
N LEU B 223 19.94 -26.62 20.44
CA LEU B 223 19.98 -25.37 19.70
C LEU B 223 21.41 -24.92 19.44
N LYS B 224 22.30 -25.18 20.40
CA LYS B 224 23.71 -24.87 20.25
C LYS B 224 24.28 -25.47 18.99
N ALA B 225 23.82 -26.68 18.64
CA ALA B 225 24.32 -27.37 17.47
C ALA B 225 23.86 -26.72 16.17
N LEU B 226 22.83 -25.87 16.21
CA LEU B 226 22.30 -25.22 15.02
C LEU B 226 22.78 -23.78 14.86
N ALA B 227 23.88 -23.40 15.52
CA ALA B 227 24.41 -22.05 15.40
C ALA B 227 24.59 -21.66 13.93
N GLY B 228 24.10 -20.47 13.58
CA GLY B 228 24.35 -19.93 12.25
C GLY B 228 23.64 -20.63 11.09
N GLN B 229 22.56 -21.38 11.34
CA GLN B 229 21.92 -22.18 10.29
C GLN B 229 20.58 -21.63 9.78
N PHE B 230 20.11 -20.46 10.27
CA PHE B 230 18.77 -19.98 9.92
C PHE B 230 18.80 -18.55 9.38
N ASP B 231 18.02 -18.31 8.32
CA ASP B 231 17.80 -16.96 7.85
C ASP B 231 16.74 -16.26 8.68
N LEU B 232 15.78 -17.01 9.19
CA LEU B 232 14.64 -16.46 9.90
C LEU B 232 14.19 -17.47 10.94
N ILE B 233 13.90 -16.98 12.15
CA ILE B 233 13.24 -17.80 13.16
C ILE B 233 12.03 -17.01 13.66
N ILE B 234 10.85 -17.63 13.57
CA ILE B 234 9.61 -17.01 14.00
C ILE B 234 9.24 -17.58 15.35
N ASN B 235 9.10 -16.74 16.35
CA ASN B 235 8.66 -17.18 17.66
C ASN B 235 7.15 -17.03 17.76
N THR B 236 6.44 -18.12 18.07
CA THR B 236 5.02 -17.99 18.37
C THR B 236 4.71 -18.22 19.84
N VAL B 237 5.71 -18.47 20.65
CA VAL B 237 5.50 -18.86 22.04
C VAL B 237 5.19 -17.63 22.87
N ASN B 238 4.25 -17.77 23.81
CA ASN B 238 3.82 -16.69 24.68
C ASN B 238 4.60 -16.61 25.98
N VAL B 239 5.40 -17.62 26.29
CA VAL B 239 6.16 -17.63 27.51
C VAL B 239 7.60 -17.23 27.17
N SER B 240 8.36 -16.87 28.18
CA SER B 240 9.74 -16.44 28.00
C SER B 240 10.64 -17.67 28.03
N LEU B 241 11.32 -17.94 26.92
CA LEU B 241 12.30 -19.00 26.81
C LEU B 241 13.70 -18.40 26.92
N ASP B 242 14.71 -19.28 26.88
CA ASP B 242 16.10 -18.89 26.74
C ASP B 242 16.35 -18.49 25.30
N TRP B 243 16.23 -17.20 24.96
CA TRP B 243 16.26 -16.80 23.55
C TRP B 243 17.66 -16.78 22.95
N GLN B 244 18.71 -16.68 23.78
CA GLN B 244 20.05 -16.49 23.22
C GLN B 244 20.47 -17.58 22.23
N PRO B 245 20.28 -18.87 22.51
CA PRO B 245 20.64 -19.88 21.50
C PRO B 245 19.87 -19.72 20.19
N TYR B 246 18.67 -19.14 20.21
CA TYR B 246 17.97 -18.89 18.94
C TYR B 246 18.59 -17.72 18.19
N PHE B 247 18.96 -16.65 18.90
CA PHE B 247 19.70 -15.56 18.24
C PHE B 247 20.95 -16.09 17.56
N GLU B 248 21.67 -17.00 18.24
CA GLU B 248 22.92 -17.52 17.71
C GLU B 248 22.70 -18.55 16.61
N ALA B 249 21.50 -19.13 16.53
CA ALA B 249 21.13 -20.00 15.40
C ALA B 249 20.92 -19.21 14.11
N LEU B 250 20.88 -17.88 14.17
CA LEU B 250 20.76 -17.04 12.97
C LEU B 250 22.09 -16.93 12.25
N THR B 251 22.05 -17.07 10.93
CA THR B 251 23.22 -16.77 10.14
C THR B 251 23.38 -15.25 10.05
N TYR B 252 24.48 -14.80 9.44
CA TYR B 252 24.65 -13.37 9.25
C TYR B 252 23.51 -12.79 8.41
N GLY B 253 23.03 -11.60 8.80
CA GLY B 253 21.86 -11.01 8.17
C GLY B 253 20.54 -11.64 8.55
N GLY B 254 20.53 -12.62 9.45
CA GLY B 254 19.29 -13.29 9.78
C GLY B 254 18.45 -12.50 10.76
N ASN B 255 17.19 -12.93 10.89
CA ASN B 255 16.23 -12.24 11.74
C ASN B 255 15.57 -13.21 12.70
N PHE B 256 15.46 -12.79 13.96
CA PHE B 256 14.54 -13.40 14.92
C PHE B 256 13.28 -12.53 15.00
N HIS B 257 12.13 -13.12 14.70
CA HIS B 257 10.89 -12.35 14.57
C HIS B 257 9.86 -12.94 15.53
N THR B 258 9.43 -12.16 16.52
CA THR B 258 8.43 -12.69 17.46
C THR B 258 7.04 -12.21 17.07
N VAL B 259 6.12 -13.16 16.92
CA VAL B 259 4.70 -12.83 16.96
C VAL B 259 4.06 -13.28 18.26
N GLY B 260 4.69 -14.17 19.01
CA GLY B 260 4.17 -14.52 20.32
C GLY B 260 4.24 -13.33 21.27
N ALA B 261 3.22 -13.21 22.11
CA ALA B 261 3.07 -12.06 22.99
C ALA B 261 3.81 -12.29 24.31
N VAL B 262 5.14 -12.21 24.22
CA VAL B 262 6.02 -12.48 25.35
C VAL B 262 6.06 -11.25 26.25
N LEU B 263 5.64 -11.44 27.50
CA LEU B 263 5.52 -10.32 28.43
C LEU B 263 6.87 -9.88 28.97
N THR B 264 7.75 -10.81 29.35
CA THR B 264 9.08 -10.43 29.83
C THR B 264 9.93 -9.95 28.66
N PRO B 265 10.54 -8.77 28.76
CA PRO B 265 11.32 -8.23 27.63
C PRO B 265 12.40 -9.20 27.17
N LEU B 266 12.63 -9.24 25.86
CA LEU B 266 13.75 -10.01 25.34
C LEU B 266 15.05 -9.36 25.75
N SER B 267 16.02 -10.18 26.14
CA SER B 267 17.37 -9.71 26.46
C SER B 267 18.23 -9.88 25.21
N VAL B 268 18.61 -8.77 24.59
CA VAL B 268 19.22 -8.80 23.26
C VAL B 268 20.61 -8.17 23.36
N PRO B 269 21.66 -8.98 23.40
CA PRO B 269 23.01 -8.42 23.45
C PRO B 269 23.33 -7.66 22.17
N ALA B 270 23.81 -6.43 22.33
CA ALA B 270 24.23 -5.66 21.18
C ALA B 270 25.33 -6.38 20.42
N PHE B 271 26.21 -7.10 21.12
CA PHE B 271 27.29 -7.84 20.46
C PHE B 271 26.73 -8.94 19.57
N THR B 272 25.61 -9.55 19.94
CA THR B 272 25.01 -10.58 19.10
C THR B 272 24.44 -9.97 17.82
N LEU B 273 23.85 -8.77 17.90
CA LEU B 273 23.36 -8.10 16.71
C LEU B 273 24.51 -7.62 15.83
N ILE B 274 25.58 -7.11 16.44
CA ILE B 274 26.69 -6.54 15.66
C ILE B 274 27.42 -7.65 14.91
N ALA B 275 27.79 -8.72 15.61
CA ALA B 275 28.58 -9.79 15.03
C ALA B 275 27.63 -10.63 14.19
N GLY B 276 27.60 -10.38 12.88
CA GLY B 276 26.68 -11.08 12.00
C GLY B 276 25.54 -10.22 11.49
N ASP B 277 25.47 -8.94 11.87
CA ASP B 277 24.49 -8.03 11.28
C ASP B 277 23.07 -8.57 11.44
N ARG B 278 22.74 -8.98 12.65
CA ARG B 278 21.46 -9.63 12.92
C ARG B 278 20.42 -8.63 13.43
N SER B 279 19.17 -9.10 13.47
CA SER B 279 18.03 -8.26 13.76
C SER B 279 17.02 -9.02 14.58
N VAL B 280 16.24 -8.29 15.38
CA VAL B 280 15.10 -8.83 16.10
C VAL B 280 13.89 -7.98 15.76
N SER B 281 12.77 -8.62 15.44
CA SER B 281 11.62 -7.95 14.85
C SER B 281 10.32 -8.45 15.50
N GLY B 282 9.25 -7.67 15.33
CA GLY B 282 7.91 -8.16 15.60
C GLY B 282 6.94 -7.68 14.53
N SER B 283 5.72 -8.23 14.58
CA SER B 283 4.66 -7.70 13.72
C SER B 283 3.31 -8.03 14.34
N ALA B 284 2.30 -7.25 13.92
CA ALA B 284 0.92 -7.44 14.35
C ALA B 284 0.09 -7.85 13.13
N THR B 285 -0.58 -9.00 13.25
CA THR B 285 -1.34 -9.64 12.16
C THR B 285 -0.91 -9.17 10.77
N GLY B 286 -1.72 -8.35 10.09
CA GLY B 286 -1.39 -7.92 8.74
C GLY B 286 -2.46 -6.99 8.18
N THR B 287 -2.27 -6.58 6.93
CA THR B 287 -3.15 -5.63 6.25
C THR B 287 -4.25 -6.37 5.49
N PRO B 288 -5.29 -5.64 5.05
CA PRO B 288 -6.34 -6.27 4.23
C PRO B 288 -5.82 -6.94 2.96
N TYR B 289 -4.92 -6.28 2.23
CA TYR B 289 -4.39 -6.89 1.02
C TYR B 289 -3.62 -8.16 1.34
N GLU B 290 -2.79 -8.12 2.39
CA GLU B 290 -2.02 -9.30 2.77
C GLU B 290 -2.94 -10.46 3.14
N LEU B 291 -4.05 -10.16 3.82
CA LEU B 291 -5.05 -11.18 4.12
C LEU B 291 -5.67 -11.75 2.84
N ARG B 292 -6.10 -10.89 1.92
CA ARG B 292 -6.68 -11.38 0.68
C ARG B 292 -5.70 -12.31 -0.04
N LYS B 293 -4.44 -11.90 -0.13
CA LYS B 293 -3.42 -12.68 -0.81
C LYS B 293 -3.17 -13.99 -0.09
N LEU B 294 -3.13 -13.95 1.24
CA LEU B 294 -2.91 -15.17 1.99
C LEU B 294 -4.03 -16.17 1.74
N MET B 295 -5.30 -15.72 1.77
CA MET B 295 -6.39 -16.67 1.60
C MET B 295 -6.34 -17.32 0.24
N ARG B 296 -6.00 -16.55 -0.81
CA ARG B 296 -5.87 -17.12 -2.14
C ARG B 296 -4.74 -18.12 -2.21
N PHE B 297 -3.57 -17.75 -1.65
CA PHE B 297 -2.43 -18.67 -1.65
C PHE B 297 -2.75 -19.96 -0.91
N ALA B 298 -3.39 -19.86 0.26
CA ALA B 298 -3.69 -21.06 1.05
C ALA B 298 -4.63 -21.99 0.31
N ALA B 299 -5.68 -21.42 -0.30
CA ALA B 299 -6.65 -22.25 -1.03
C ALA B 299 -5.98 -22.95 -2.21
N ARG B 300 -5.18 -22.21 -2.98
CA ARG B 300 -4.53 -22.81 -4.15
C ARG B 300 -3.48 -23.83 -3.74
N SER B 301 -2.75 -23.56 -2.66
CA SER B 301 -1.74 -24.48 -2.17
C SER B 301 -2.29 -25.61 -1.31
N LYS B 302 -3.60 -25.57 -1.02
CA LYS B 302 -4.23 -26.55 -0.13
C LYS B 302 -3.56 -26.54 1.24
N VAL B 303 -3.19 -25.35 1.70
CA VAL B 303 -2.75 -25.16 3.08
C VAL B 303 -4.01 -24.91 3.91
N ALA B 304 -4.32 -25.83 4.81
CA ALA B 304 -5.51 -25.72 5.64
C ALA B 304 -5.11 -25.99 7.09
N PRO B 305 -5.53 -25.16 8.03
CA PRO B 305 -5.24 -25.45 9.44
C PRO B 305 -5.77 -26.82 9.83
N THR B 306 -5.04 -27.50 10.72
CA THR B 306 -5.53 -28.74 11.32
C THR B 306 -6.48 -28.36 12.46
N THR B 307 -7.75 -28.75 12.32
CA THR B 307 -8.84 -28.15 13.07
C THR B 307 -9.59 -29.18 13.90
N GLU B 308 -10.01 -28.80 15.10
CA GLU B 308 -10.93 -29.57 15.94
C GLU B 308 -12.21 -28.77 16.12
N LEU B 309 -13.33 -29.30 15.62
CA LEU B 309 -14.59 -28.58 15.64
C LEU B 309 -15.35 -28.81 16.94
N PHE B 310 -15.91 -27.74 17.49
CA PHE B 310 -16.82 -27.77 18.61
C PHE B 310 -18.08 -27.00 18.23
N PRO B 311 -19.24 -27.41 18.76
CA PRO B 311 -20.42 -26.55 18.64
C PRO B 311 -20.24 -25.29 19.46
N MET B 312 -20.70 -24.17 18.90
CA MET B 312 -20.60 -22.88 19.58
C MET B 312 -21.27 -22.91 20.95
N SER B 313 -22.31 -23.75 21.11
CA SER B 313 -22.98 -23.86 22.40
C SER B 313 -22.09 -24.46 23.48
N LYS B 314 -21.05 -25.21 23.12
CA LYS B 314 -20.09 -25.75 24.08
C LYS B 314 -18.80 -24.93 24.16
N ILE B 315 -18.92 -23.61 24.00
CA ILE B 315 -17.75 -22.76 23.88
C ILE B 315 -16.88 -22.82 25.14
N ASN B 316 -17.48 -23.07 26.31
CA ASN B 316 -16.67 -23.10 27.53
C ASN B 316 -15.82 -24.37 27.59
N ASP B 317 -16.36 -25.49 27.11
CA ASP B 317 -15.53 -26.69 26.99
C ASP B 317 -14.42 -26.48 25.96
N ALA B 318 -14.77 -25.86 24.83
CA ALA B 318 -13.77 -25.59 23.79
C ALA B 318 -12.62 -24.74 24.33
N ILE B 319 -12.97 -23.70 25.10
CA ILE B 319 -11.95 -22.78 25.62
C ILE B 319 -11.05 -23.50 26.61
N GLN B 320 -11.63 -24.36 27.47
CA GLN B 320 -10.80 -25.10 28.41
C GLN B 320 -9.89 -26.07 27.68
N HIS B 321 -10.39 -26.69 26.61
CA HIS B 321 -9.59 -27.54 25.74
C HIS B 321 -8.31 -26.82 25.30
N VAL B 322 -8.45 -25.56 24.87
CA VAL B 322 -7.30 -24.78 24.42
C VAL B 322 -6.41 -24.43 25.60
N ARG B 323 -7.01 -23.94 26.70
CA ARG B 323 -6.24 -23.66 27.92
C ARG B 323 -5.42 -24.86 28.35
N ASP B 324 -5.99 -26.05 28.25
CA ASP B 324 -5.31 -27.28 28.70
C ASP B 324 -4.22 -27.74 27.75
N GLY B 325 -4.01 -27.04 26.63
CA GLY B 325 -2.93 -27.42 25.73
C GLY B 325 -3.27 -28.58 24.82
N LYS B 326 -4.55 -28.87 24.61
CA LYS B 326 -4.95 -30.03 23.84
C LYS B 326 -5.31 -29.72 22.39
N ALA B 327 -5.41 -28.44 22.02
CA ALA B 327 -5.75 -28.10 20.64
C ALA B 327 -4.80 -28.78 19.66
N ARG B 328 -5.37 -29.50 18.70
CA ARG B 328 -4.58 -30.19 17.67
C ARG B 328 -5.19 -29.84 16.30
N TYR B 329 -4.89 -28.65 15.78
CA TYR B 329 -3.94 -27.71 16.36
C TYR B 329 -4.62 -26.37 16.59
N ARG B 330 -5.81 -26.23 16.02
CA ARG B 330 -6.65 -25.05 16.21
C ARG B 330 -8.08 -25.50 16.47
N VAL B 331 -8.70 -24.93 17.49
CA VAL B 331 -10.11 -25.21 17.77
C VAL B 331 -10.95 -24.19 17.01
N VAL B 332 -12.01 -24.68 16.35
CA VAL B 332 -12.94 -23.86 15.60
C VAL B 332 -14.35 -24.15 16.08
N LEU B 333 -15.13 -23.10 16.34
CA LEU B 333 -16.50 -23.23 16.81
C LEU B 333 -17.46 -23.14 15.64
N LYS B 334 -18.39 -24.10 15.56
CA LYS B 334 -19.47 -24.04 14.57
C LYS B 334 -20.69 -23.39 15.19
N ALA B 335 -21.21 -22.35 14.53
CA ALA B 335 -22.35 -21.61 15.06
C ALA B 335 -23.60 -22.47 15.00
N ASP B 336 -24.33 -22.52 16.13
CA ASP B 336 -25.62 -23.18 16.18
C ASP B 336 -26.72 -22.24 15.69
N TYR B 337 -27.50 -21.72 16.62
CA TYR B 337 -28.57 -20.76 16.30
C TYR B 337 -29.49 -21.27 15.18
#